data_5GMY
#
_entry.id   5GMY
#
_cell.length_a   121.549
_cell.length_b   121.549
_cell.length_c   181.344
_cell.angle_alpha   90.000
_cell.angle_beta   90.000
_cell.angle_gamma   90.000
#
_symmetry.space_group_name_H-M   'P 43 21 2'
#
loop_
_entity.id
_entity.type
_entity.pdbx_description
1 polymer 'Transmembrane oligosaccharyl transferase, putative'
2 polymer 'acceptor peptide, ARG-TYR-ASN-VAL-THR-ALA-CYS'
3 non-polymer 'MAGNESIUM ION'
#
loop_
_entity_poly.entity_id
_entity_poly.type
_entity_poly.pdbx_seq_one_letter_code
_entity_poly.pdbx_strand_id
1 'polypeptide(L)'
;MQNAESWFKKYWHLSVLVIAALISVKLRILNPWNSVFTWTVRLGGNDPWYYYRLIENTIHNFPHRIWFDPFTYYPYGSYT
HFGPFLVYLGSIAGIIFSATSGESLRAVLAFIPAIGGVLAILPVYLLTREVFDKRAAVIAAFLIAIVPGQFLQRSILGFN
DHHIWEAFWQVSALGTFLLAYNRWKGHDLSHNLTARQMAYPVIAGITIGLYVLSWGAGFIIAPIILAFMFFAFVLAGFVN
ADRKNLSLVAVVTFAVSALIYLPFAFNYPGFSTIFYSPFQLLVLLGSAVIAAAFYQIEKWNDVGFFERVGLGRKGMPLAV
IVLTALIMGLFFVISPDFARNLLSVVRVVQPKGGALTIAEVYPFFFTHNGEFTLTNAVLHFGALFFFGMAGILYSAYRFL
KRRSFPEMALLIWAIAMFIALWGQNRFAYYFAAVSAVYSALALSVVFDKLHLYRALENAIGARNKLSYFRVAFALLIALA
AIYPTYILADAQSSYAGGPNKQWYDALTWMRENTPDGEKYDEYYLQLYPTPQSNKEPFSYPFETYGVISWWDYGHWIEAV
AHRMPIANPFQAGIGNKYNNVPGASSFFTAENESYAEFVAEKLNVKYVVSDIEMETCKYYAMAVWAEGDLPLAEKYYGGY
FYYSPTGTFGYANSQWDIPLNSIIIPLRIPSELYYSTMEAKLHLFDGSGLSHYRMIYESDYPAEWKSYSSQVNLNNESQV
LQTALYEAVMRARYGVSPTMGTQEVLYKYAYTQLYEKKMGIPVKIAPSGYVKIFERVKGAVVTGKVSANVTEVSVNATIK
TNQNRTFEYWQTVEVKNGTYTVVLPYSHNSDYPVKPITPYHIKAGNVVKEITIYESQVQNGEIIQLDLELALVPR
;
A
2 'polypeptide(L)' RYNVTAC B
#
# COMPACT_ATOMS: atom_id res chain seq x y z
N GLU A 5 -44.67 -16.54 3.62
CA GLU A 5 -46.05 -16.10 3.42
C GLU A 5 -46.51 -15.21 4.57
N SER A 6 -45.92 -15.42 5.74
CA SER A 6 -46.18 -14.58 6.91
C SER A 6 -44.99 -13.74 7.33
N TRP A 7 -43.77 -14.23 7.07
CA TRP A 7 -42.54 -13.48 7.35
C TRP A 7 -41.83 -13.03 6.09
N PHE A 8 -41.84 -13.84 5.03
CA PHE A 8 -41.09 -13.57 3.82
C PHE A 8 -41.87 -12.73 2.81
N LYS A 9 -42.72 -11.81 3.27
CA LYS A 9 -43.43 -10.93 2.36
C LYS A 9 -42.66 -9.63 2.14
N LYS A 10 -42.28 -8.97 3.24
CA LYS A 10 -41.30 -7.88 3.24
C LYS A 10 -39.91 -8.33 3.66
N TYR A 11 -39.82 -9.23 4.64
CA TYR A 11 -38.54 -9.62 5.21
C TYR A 11 -37.78 -10.64 4.36
N TRP A 12 -38.23 -10.91 3.13
CA TRP A 12 -37.44 -11.76 2.24
C TRP A 12 -36.18 -11.04 1.80
N HIS A 13 -36.32 -9.79 1.35
CA HIS A 13 -35.16 -8.99 0.97
C HIS A 13 -34.31 -8.60 2.17
N LEU A 14 -34.88 -8.59 3.37
CA LEU A 14 -34.14 -8.21 4.56
C LEU A 14 -33.44 -9.39 5.20
N SER A 15 -34.00 -10.59 5.09
CA SER A 15 -33.32 -11.78 5.61
C SER A 15 -32.07 -12.08 4.79
N VAL A 16 -32.16 -11.99 3.46
CA VAL A 16 -30.98 -12.21 2.62
C VAL A 16 -29.94 -11.14 2.86
N LEU A 17 -30.36 -9.91 3.22
CA LEU A 17 -29.41 -8.90 3.64
C LEU A 17 -28.68 -9.32 4.90
N VAL A 18 -29.42 -9.86 5.87
CA VAL A 18 -28.79 -10.40 7.08
C VAL A 18 -27.90 -11.57 6.74
N ILE A 19 -28.32 -12.41 5.78
CA ILE A 19 -27.49 -13.52 5.33
C ILE A 19 -26.22 -12.97 4.68
N ALA A 20 -26.36 -12.04 3.74
CA ALA A 20 -25.20 -11.44 3.10
C ALA A 20 -24.31 -10.75 4.12
N ALA A 21 -24.91 -10.07 5.10
CA ALA A 21 -24.12 -9.43 6.14
C ALA A 21 -23.39 -10.45 6.99
N LEU A 22 -24.00 -11.62 7.22
CA LEU A 22 -23.34 -12.64 8.03
C LEU A 22 -22.21 -13.32 7.28
N ILE A 23 -22.33 -13.47 5.96
CA ILE A 23 -21.20 -13.98 5.19
C ILE A 23 -20.08 -12.95 5.14
N SER A 24 -20.43 -11.66 5.15
CA SER A 24 -19.40 -10.63 5.21
C SER A 24 -18.68 -10.66 6.56
N VAL A 25 -19.41 -10.91 7.64
CA VAL A 25 -18.78 -10.97 8.96
C VAL A 25 -17.84 -12.17 9.05
N LYS A 26 -18.21 -13.29 8.41
CA LYS A 26 -17.35 -14.46 8.42
C LYS A 26 -16.05 -14.21 7.65
N LEU A 27 -16.14 -13.54 6.51
CA LEU A 27 -14.98 -13.37 5.65
C LEU A 27 -14.04 -12.29 6.18
N ARG A 28 -14.58 -11.23 6.78
CA ARG A 28 -13.79 -10.08 7.15
C ARG A 28 -13.31 -10.10 8.60
N ILE A 29 -14.01 -10.79 9.49
CA ILE A 29 -13.68 -10.84 10.90
C ILE A 29 -13.25 -12.23 11.34
N LEU A 30 -14.04 -13.25 11.00
CA LEU A 30 -13.81 -14.59 11.54
C LEU A 30 -12.65 -15.30 10.84
N ASN A 31 -12.54 -15.15 9.52
CA ASN A 31 -11.44 -15.79 8.80
C ASN A 31 -10.08 -15.27 9.20
N PRO A 32 -9.83 -13.95 9.29
CA PRO A 32 -8.46 -13.48 9.62
C PRO A 32 -8.26 -13.22 11.10
N TRP A 33 -9.05 -13.85 11.96
CA TRP A 33 -9.00 -13.52 13.38
C TRP A 33 -7.70 -14.01 14.01
N ASN A 34 -7.33 -15.27 13.77
CA ASN A 34 -6.13 -15.83 14.38
C ASN A 34 -4.84 -15.28 13.79
N SER A 35 -4.91 -14.51 12.71
CA SER A 35 -3.74 -13.86 12.13
C SER A 35 -3.59 -12.41 12.57
N VAL A 36 -4.70 -11.73 12.88
CA VAL A 36 -4.63 -10.36 13.37
C VAL A 36 -4.34 -10.34 14.86
N PHE A 37 -5.02 -11.19 15.64
CA PHE A 37 -4.88 -11.22 17.09
C PHE A 37 -3.89 -12.33 17.45
N THR A 38 -2.61 -12.02 17.28
CA THR A 38 -1.54 -12.96 17.58
C THR A 38 -0.63 -12.44 18.70
N TRP A 39 0.69 -12.46 18.51
CA TRP A 39 1.59 -11.90 19.51
C TRP A 39 1.19 -10.49 19.88
N THR A 40 0.84 -9.69 18.88
CA THR A 40 0.16 -8.41 19.06
C THR A 40 -0.93 -8.32 18.02
N VAL A 41 -1.86 -7.39 18.23
CA VAL A 41 -2.83 -7.08 17.19
C VAL A 41 -2.12 -6.56 15.95
N ARG A 42 -2.21 -7.32 14.86
CA ARG A 42 -1.38 -7.14 13.68
C ARG A 42 -2.15 -6.33 12.64
N LEU A 43 -1.97 -5.01 12.69
CA LEU A 43 -2.50 -4.15 11.64
C LEU A 43 -1.77 -4.44 10.34
N GLY A 44 -2.52 -4.80 9.30
CA GLY A 44 -1.91 -5.22 8.06
C GLY A 44 -1.33 -4.09 7.24
N GLY A 45 -0.50 -4.46 6.27
CA GLY A 45 0.07 -3.53 5.31
C GLY A 45 0.94 -2.48 5.96
N ASN A 46 1.00 -1.32 5.30
CA ASN A 46 1.77 -0.17 5.77
C ASN A 46 0.91 1.04 6.10
N ASP A 47 -0.21 1.23 5.42
CA ASP A 47 -1.04 2.41 5.66
C ASP A 47 -1.74 2.36 7.01
N PRO A 48 -2.43 1.28 7.40
CA PRO A 48 -3.15 1.29 8.68
C PRO A 48 -2.26 1.53 9.90
N TRP A 49 -0.94 1.42 9.75
CA TRP A 49 -0.04 1.75 10.86
C TRP A 49 0.10 3.26 11.05
N TYR A 50 0.06 4.03 9.95
CA TYR A 50 0.13 5.48 10.09
C TYR A 50 -1.18 6.04 10.63
N TYR A 51 -2.31 5.46 10.23
CA TYR A 51 -3.58 5.85 10.84
C TYR A 51 -3.57 5.56 12.33
N TYR A 52 -2.95 4.45 12.74
CA TYR A 52 -2.73 4.19 14.15
C TYR A 52 -1.94 5.32 14.81
N ARG A 53 -1.04 5.95 14.05
CA ARG A 53 -0.26 7.06 14.59
C ARG A 53 -1.10 8.33 14.71
N LEU A 54 -1.85 8.67 13.65
CA LEU A 54 -2.64 9.90 13.66
C LEU A 54 -3.77 9.81 14.65
N ILE A 55 -4.44 8.67 14.73
CA ILE A 55 -5.54 8.50 15.67
C ILE A 55 -5.03 8.52 17.10
N GLU A 56 -3.90 7.85 17.35
CA GLU A 56 -3.26 7.94 18.67
C GLU A 56 -2.87 9.36 19.01
N ASN A 57 -2.53 10.16 17.99
CA ASN A 57 -2.23 11.57 18.20
C ASN A 57 -3.49 12.40 18.36
N THR A 58 -4.54 12.10 17.59
CA THR A 58 -5.77 12.87 17.68
C THR A 58 -6.45 12.66 19.01
N ILE A 59 -6.44 11.43 19.53
CA ILE A 59 -6.95 11.16 20.87
C ILE A 59 -6.16 11.95 21.90
N HIS A 60 -4.85 12.11 21.68
CA HIS A 60 -4.02 12.91 22.57
C HIS A 60 -4.50 14.35 22.66
N ASN A 61 -4.68 15.00 21.50
CA ASN A 61 -5.06 16.41 21.47
C ASN A 61 -6.49 16.60 21.01
N PHE A 62 -7.41 15.81 21.55
CA PHE A 62 -8.75 15.84 21.02
C PHE A 62 -9.47 17.10 21.50
N PRO A 63 -10.33 17.73 20.68
CA PRO A 63 -10.95 17.37 19.40
C PRO A 63 -10.30 17.96 18.15
N HIS A 64 -8.97 17.87 18.03
CA HIS A 64 -8.30 18.43 16.88
C HIS A 64 -6.99 17.70 16.64
N ARG A 65 -6.60 17.66 15.37
CA ARG A 65 -5.59 16.73 14.87
C ARG A 65 -4.51 17.49 14.12
N ILE A 66 -3.39 16.80 13.86
CA ILE A 66 -2.26 17.40 13.16
C ILE A 66 -2.46 17.32 11.66
N TRP A 67 -1.64 18.09 10.93
CA TRP A 67 -1.64 18.06 9.47
C TRP A 67 -0.23 18.08 8.90
N PHE A 68 0.79 18.12 9.75
CA PHE A 68 2.19 17.95 9.37
C PHE A 68 2.86 17.09 10.41
N ASP A 69 3.67 16.12 9.95
CA ASP A 69 4.29 15.14 10.83
C ASP A 69 5.80 15.18 10.65
N PRO A 70 6.53 15.95 11.47
CA PRO A 70 7.99 15.93 11.42
C PRO A 70 8.62 14.69 12.04
N PHE A 71 7.82 13.79 12.60
CA PHE A 71 8.32 12.55 13.18
C PHE A 71 8.72 11.52 12.13
N THR A 72 8.33 11.74 10.87
CA THR A 72 8.74 10.88 9.76
C THR A 72 9.42 11.74 8.70
N TYR A 73 10.11 11.07 7.78
CA TYR A 73 10.95 11.75 6.79
C TYR A 73 11.91 12.69 7.51
N TYR A 74 12.75 12.06 8.34
CA TYR A 74 13.39 12.69 9.50
C TYR A 74 14.02 14.05 9.22
N PRO A 75 14.86 14.24 8.19
CA PRO A 75 15.51 15.55 8.04
C PRO A 75 14.51 16.70 7.91
N TYR A 76 13.50 16.55 7.05
CA TYR A 76 12.56 17.62 6.76
C TYR A 76 11.19 17.37 7.39
N GLY A 77 10.49 16.32 6.97
CA GLY A 77 9.15 16.06 7.45
C GLY A 77 8.14 15.99 6.32
N SER A 78 7.03 15.31 6.54
CA SER A 78 6.03 15.08 5.50
C SER A 78 4.66 15.60 5.94
N TYR A 79 3.91 16.13 4.99
CA TYR A 79 2.54 16.54 5.22
C TYR A 79 1.63 15.32 5.20
N THR A 80 0.46 15.46 5.85
CA THR A 80 -0.50 14.38 5.96
C THR A 80 -1.64 14.60 4.97
N HIS A 81 -1.77 13.69 4.01
CA HIS A 81 -2.92 13.66 3.11
C HIS A 81 -4.00 12.69 3.57
N PHE A 82 -3.77 11.99 4.67
CA PHE A 82 -4.75 11.06 5.20
C PHE A 82 -5.95 11.82 5.75
N GLY A 83 -7.14 11.51 5.24
CA GLY A 83 -8.34 12.27 5.52
C GLY A 83 -8.72 12.31 6.99
N PRO A 84 -9.35 13.42 7.39
CA PRO A 84 -9.80 13.54 8.80
C PRO A 84 -11.01 12.68 9.14
N PHE A 85 -11.65 12.03 8.16
CA PHE A 85 -12.82 11.21 8.47
C PHE A 85 -12.42 9.98 9.28
N LEU A 86 -11.57 9.12 8.69
CA LEU A 86 -11.14 7.92 9.39
C LEU A 86 -10.30 8.25 10.62
N VAL A 87 -9.51 9.33 10.54
CA VAL A 87 -8.72 9.76 11.69
C VAL A 87 -9.64 10.09 12.87
N TYR A 88 -10.70 10.84 12.60
CA TYR A 88 -11.64 11.18 13.67
C TYR A 88 -12.50 9.99 14.05
N LEU A 89 -12.98 9.23 13.06
CA LEU A 89 -13.83 8.07 13.36
C LEU A 89 -13.10 7.07 14.25
N GLY A 90 -11.85 6.76 13.92
CA GLY A 90 -11.06 5.90 14.79
C GLY A 90 -10.69 6.55 16.11
N SER A 91 -10.70 7.88 16.18
CA SER A 91 -10.41 8.56 17.43
C SER A 91 -11.63 8.57 18.35
N ILE A 92 -12.81 8.81 17.80
CA ILE A 92 -14.03 8.73 18.60
C ILE A 92 -14.29 7.29 19.04
N ALA A 93 -13.95 6.33 18.17
CA ALA A 93 -14.10 4.93 18.54
C ALA A 93 -13.09 4.52 19.61
N GLY A 94 -11.90 5.10 19.59
CA GLY A 94 -10.87 4.73 20.55
C GLY A 94 -11.14 5.27 21.94
N ILE A 95 -11.84 6.40 22.04
CA ILE A 95 -12.08 7.01 23.35
C ILE A 95 -13.35 6.47 24.00
N ILE A 96 -14.34 6.04 23.21
CA ILE A 96 -15.56 5.47 23.78
C ILE A 96 -15.26 4.12 24.43
N PHE A 97 -14.39 3.32 23.80
CA PHE A 97 -14.00 2.03 24.36
C PHE A 97 -12.75 2.13 25.25
N SER A 98 -12.31 3.35 25.58
CA SER A 98 -11.21 3.59 26.50
C SER A 98 -9.94 2.86 26.05
N ALA A 99 -9.49 3.22 24.85
CA ALA A 99 -8.27 2.65 24.27
C ALA A 99 -7.53 3.78 23.57
N THR A 100 -6.52 4.34 24.25
CA THR A 100 -5.85 5.55 23.79
C THR A 100 -4.44 5.32 23.26
N SER A 101 -3.86 4.14 23.45
CA SER A 101 -2.52 3.86 22.94
C SER A 101 -2.27 2.37 23.02
N GLY A 102 -1.17 1.93 22.40
CA GLY A 102 -0.75 0.55 22.48
C GLY A 102 -1.67 -0.41 21.73
N GLU A 103 -1.61 -1.67 22.16
CA GLU A 103 -2.44 -2.71 21.55
C GLU A 103 -3.92 -2.50 21.81
N SER A 104 -4.28 -1.75 22.86
CA SER A 104 -5.68 -1.48 23.13
C SER A 104 -6.30 -0.65 22.02
N LEU A 105 -5.61 0.41 21.61
CA LEU A 105 -6.12 1.28 20.54
C LEU A 105 -6.20 0.53 19.21
N ARG A 106 -5.18 -0.26 18.90
CA ARG A 106 -5.16 -0.98 17.62
C ARG A 106 -6.27 -2.03 17.55
N ALA A 107 -6.60 -2.66 18.69
CA ALA A 107 -7.64 -3.67 18.70
C ALA A 107 -8.99 -3.06 18.30
N VAL A 108 -9.24 -1.82 18.70
CA VAL A 108 -10.47 -1.14 18.29
C VAL A 108 -10.42 -0.80 16.81
N LEU A 109 -9.26 -0.36 16.32
CA LEU A 109 -9.17 0.03 14.92
C LEU A 109 -9.25 -1.14 13.97
N ALA A 110 -8.93 -2.36 14.44
CA ALA A 110 -9.03 -3.52 13.58
C ALA A 110 -10.45 -3.74 13.09
N PHE A 111 -11.45 -3.34 13.89
CA PHE A 111 -12.84 -3.53 13.52
C PHE A 111 -13.36 -2.44 12.59
N ILE A 112 -12.67 -1.31 12.50
CA ILE A 112 -13.14 -0.22 11.64
C ILE A 112 -13.28 -0.66 10.18
N PRO A 113 -12.25 -1.22 9.53
CA PRO A 113 -12.43 -1.58 8.11
C PRO A 113 -13.35 -2.76 7.91
N ALA A 114 -13.36 -3.72 8.85
CA ALA A 114 -14.26 -4.87 8.72
C ALA A 114 -15.71 -4.42 8.81
N ILE A 115 -16.02 -3.56 9.77
CA ILE A 115 -17.38 -3.02 9.88
C ILE A 115 -17.74 -2.25 8.61
N GLY A 116 -16.80 -1.47 8.07
CA GLY A 116 -17.07 -0.74 6.85
C GLY A 116 -17.41 -1.64 5.68
N GLY A 117 -16.73 -2.78 5.57
CA GLY A 117 -17.07 -3.73 4.52
C GLY A 117 -18.45 -4.32 4.69
N VAL A 118 -18.86 -4.59 5.93
CA VAL A 118 -20.18 -5.13 6.18
C VAL A 118 -21.25 -4.09 5.88
N LEU A 119 -21.03 -2.85 6.31
CA LEU A 119 -21.98 -1.78 6.03
C LEU A 119 -22.06 -1.45 4.54
N ALA A 120 -21.02 -1.78 3.77
CA ALA A 120 -21.00 -1.50 2.34
C ALA A 120 -22.13 -2.19 1.59
N ILE A 121 -22.79 -3.16 2.22
CA ILE A 121 -23.93 -3.81 1.58
C ILE A 121 -25.08 -2.82 1.40
N LEU A 122 -25.24 -1.88 2.33
CA LEU A 122 -26.33 -0.91 2.24
C LEU A 122 -26.22 -0.01 1.02
N PRO A 123 -25.13 0.74 0.80
CA PRO A 123 -25.09 1.61 -0.38
C PRO A 123 -25.10 0.86 -1.69
N VAL A 124 -24.57 -0.36 -1.72
CA VAL A 124 -24.67 -1.17 -2.94
C VAL A 124 -26.12 -1.52 -3.22
N TYR A 125 -26.86 -1.93 -2.19
CA TYR A 125 -28.29 -2.15 -2.34
C TYR A 125 -29.00 -0.87 -2.77
N LEU A 126 -28.65 0.25 -2.13
CA LEU A 126 -29.34 1.51 -2.38
C LEU A 126 -29.12 2.00 -3.81
N LEU A 127 -27.88 1.93 -4.30
CA LEU A 127 -27.57 2.49 -5.61
C LEU A 127 -28.31 1.75 -6.72
N THR A 128 -28.18 0.42 -6.76
CA THR A 128 -28.81 -0.34 -7.82
C THR A 128 -30.31 -0.53 -7.61
N ARG A 129 -30.84 -0.18 -6.43
CA ARG A 129 -32.29 -0.20 -6.25
C ARG A 129 -32.95 0.98 -6.93
N GLU A 130 -32.23 2.10 -7.05
CA GLU A 130 -32.83 3.31 -7.61
C GLU A 130 -32.63 3.43 -9.12
N VAL A 131 -31.71 2.66 -9.70
CA VAL A 131 -31.54 2.67 -11.15
C VAL A 131 -32.24 1.47 -11.74
N PHE A 132 -32.31 0.38 -10.99
CA PHE A 132 -32.93 -0.85 -11.48
C PHE A 132 -34.05 -1.29 -10.55
N ASP A 133 -34.19 -2.59 -10.34
CA ASP A 133 -35.25 -3.14 -9.52
C ASP A 133 -34.72 -3.59 -8.16
N LYS A 134 -35.66 -3.82 -7.24
CA LYS A 134 -35.30 -4.27 -5.90
C LYS A 134 -34.72 -5.68 -5.91
N ARG A 135 -35.13 -6.50 -6.89
CA ARG A 135 -34.55 -7.83 -7.04
C ARG A 135 -33.06 -7.76 -7.26
N ALA A 136 -32.63 -7.02 -8.30
CA ALA A 136 -31.21 -6.86 -8.57
C ALA A 136 -30.48 -6.19 -7.41
N ALA A 137 -31.19 -5.33 -6.67
CA ALA A 137 -30.59 -4.72 -5.47
C ALA A 137 -30.25 -5.79 -4.45
N VAL A 138 -31.13 -6.77 -4.27
CA VAL A 138 -30.87 -7.87 -3.35
C VAL A 138 -29.66 -8.68 -3.82
N ILE A 139 -29.56 -8.93 -5.12
CA ILE A 139 -28.44 -9.71 -5.65
C ILE A 139 -27.14 -8.95 -5.47
N ALA A 140 -27.11 -7.68 -5.88
CA ALA A 140 -25.89 -6.88 -5.77
C ALA A 140 -25.47 -6.73 -4.31
N ALA A 141 -26.43 -6.49 -3.42
CA ALA A 141 -26.11 -6.41 -1.99
C ALA A 141 -25.53 -7.72 -1.49
N PHE A 142 -26.01 -8.85 -2.02
CA PHE A 142 -25.41 -10.13 -1.67
C PHE A 142 -24.05 -10.30 -2.33
N LEU A 143 -23.90 -9.81 -3.56
CA LEU A 143 -22.66 -10.02 -4.30
C LEU A 143 -21.51 -9.22 -3.73
N ILE A 144 -21.78 -8.01 -3.21
CA ILE A 144 -20.71 -7.18 -2.68
C ILE A 144 -20.17 -7.75 -1.36
N ALA A 145 -20.90 -8.66 -0.72
CA ALA A 145 -20.45 -9.23 0.53
C ALA A 145 -19.40 -10.31 0.34
N ILE A 146 -19.25 -10.86 -0.86
CA ILE A 146 -18.32 -11.94 -1.13
C ILE A 146 -17.34 -11.63 -2.25
N VAL A 147 -17.41 -10.43 -2.84
CA VAL A 147 -16.51 -10.08 -3.93
C VAL A 147 -15.08 -10.02 -3.39
N PRO A 148 -14.15 -10.76 -3.98
CA PRO A 148 -12.79 -10.85 -3.40
C PRO A 148 -11.87 -9.73 -3.86
N GLY A 149 -10.57 -10.01 -3.86
CA GLY A 149 -9.61 -9.07 -4.40
C GLY A 149 -9.24 -7.96 -3.44
N GLN A 150 -8.80 -6.84 -4.03
CA GLN A 150 -8.37 -5.69 -3.23
C GLN A 150 -9.52 -5.09 -2.43
N PHE A 151 -10.75 -5.20 -2.92
CA PHE A 151 -11.90 -4.76 -2.15
C PHE A 151 -12.04 -5.58 -0.87
N LEU A 152 -11.82 -6.89 -0.96
CA LEU A 152 -11.88 -7.74 0.21
C LEU A 152 -10.66 -7.54 1.11
N GLN A 153 -9.47 -7.62 0.53
CA GLN A 153 -8.24 -7.63 1.33
C GLN A 153 -8.09 -6.37 2.16
N ARG A 154 -8.68 -5.26 1.72
CA ARG A 154 -8.63 -4.01 2.46
C ARG A 154 -9.91 -3.73 3.23
N SER A 155 -10.83 -4.70 3.29
CA SER A 155 -11.96 -4.69 4.20
C SER A 155 -11.76 -5.66 5.35
N ILE A 156 -10.58 -6.26 5.44
CA ILE A 156 -10.28 -7.32 6.40
C ILE A 156 -10.03 -6.72 7.77
N LEU A 157 -10.36 -7.49 8.81
CA LEU A 157 -9.99 -7.14 10.17
C LEU A 157 -8.51 -6.79 10.25
N GLY A 158 -8.20 -5.73 10.97
CA GLY A 158 -6.81 -5.32 11.12
C GLY A 158 -6.22 -4.70 9.87
N PHE A 159 -6.96 -3.84 9.18
CA PHE A 159 -6.48 -3.14 8.02
C PHE A 159 -7.20 -1.79 7.93
N ASN A 160 -7.05 -0.98 8.97
CA ASN A 160 -7.75 0.30 9.07
C ASN A 160 -7.13 1.30 8.11
N ASP A 161 -7.55 1.22 6.85
CA ASP A 161 -7.13 2.14 5.82
C ASP A 161 -8.35 2.85 5.24
N HIS A 162 -8.09 3.96 4.55
CA HIS A 162 -9.16 4.79 4.01
C HIS A 162 -9.76 4.24 2.73
N HIS A 163 -9.29 3.09 2.24
CA HIS A 163 -9.77 2.59 0.94
C HIS A 163 -11.17 2.03 1.02
N ILE A 164 -11.56 1.44 2.16
CA ILE A 164 -12.90 0.89 2.27
C ILE A 164 -13.94 1.99 2.35
N TRP A 165 -13.68 3.01 3.19
CA TRP A 165 -14.56 4.17 3.25
C TRP A 165 -14.51 4.99 1.96
N GLU A 166 -13.48 4.75 1.15
CA GLU A 166 -13.34 5.45 -0.13
C GLU A 166 -14.42 5.01 -1.11
N ALA A 167 -14.55 3.70 -1.34
CA ALA A 167 -15.60 3.18 -2.18
C ALA A 167 -16.97 3.17 -1.49
N PHE A 168 -16.98 3.15 -0.16
CA PHE A 168 -18.24 3.23 0.58
C PHE A 168 -18.95 4.54 0.29
N TRP A 169 -18.30 5.67 0.59
CA TRP A 169 -18.92 6.97 0.36
C TRP A 169 -19.06 7.28 -1.12
N GLN A 170 -18.19 6.71 -1.96
CA GLN A 170 -18.31 6.93 -3.40
C GLN A 170 -19.60 6.32 -3.94
N VAL A 171 -19.93 5.11 -3.51
CA VAL A 171 -21.18 4.50 -3.92
C VAL A 171 -22.35 5.11 -3.16
N SER A 172 -22.13 5.48 -1.88
CA SER A 172 -23.20 6.14 -1.12
C SER A 172 -23.60 7.46 -1.75
N ALA A 173 -22.65 8.17 -2.38
CA ALA A 173 -22.97 9.45 -3.00
C ALA A 173 -23.81 9.26 -4.25
N LEU A 174 -23.41 8.33 -5.11
CA LEU A 174 -24.19 8.08 -6.34
C LEU A 174 -25.60 7.61 -6.00
N GLY A 175 -25.73 6.76 -4.98
CA GLY A 175 -27.06 6.30 -4.59
C GLY A 175 -27.92 7.43 -4.04
N THR A 176 -27.38 8.17 -3.07
CA THR A 176 -28.16 9.25 -2.45
C THR A 176 -28.46 10.36 -3.46
N PHE A 177 -27.53 10.64 -4.38
CA PHE A 177 -27.80 11.65 -5.39
C PHE A 177 -28.89 11.18 -6.36
N LEU A 178 -28.77 9.95 -6.86
CA LEU A 178 -29.79 9.42 -7.74
C LEU A 178 -31.12 9.23 -7.00
N LEU A 179 -31.07 8.88 -5.71
CA LEU A 179 -32.27 8.89 -4.89
C LEU A 179 -32.85 10.30 -4.81
N ALA A 180 -31.99 11.30 -4.64
CA ALA A 180 -32.46 12.69 -4.63
C ALA A 180 -33.07 13.06 -5.96
N TYR A 181 -32.63 12.43 -7.06
CA TYR A 181 -33.22 12.71 -8.36
C TYR A 181 -34.60 12.09 -8.49
N ASN A 182 -34.81 10.92 -7.89
CA ASN A 182 -36.09 10.23 -8.03
C ASN A 182 -37.17 10.88 -7.17
N ARG A 183 -36.85 11.16 -5.90
CA ARG A 183 -37.81 11.81 -5.02
C ARG A 183 -38.12 13.24 -5.43
N TRP A 184 -37.35 13.82 -6.35
CA TRP A 184 -37.52 15.21 -6.78
C TRP A 184 -38.14 15.36 -8.16
N LYS A 185 -37.88 14.43 -9.08
CA LYS A 185 -38.32 14.60 -10.46
C LYS A 185 -39.83 14.60 -10.55
N GLY A 186 -40.37 15.49 -11.38
CA GLY A 186 -41.78 15.74 -11.46
C GLY A 186 -42.31 16.64 -10.36
N HIS A 187 -41.64 16.67 -9.21
CA HIS A 187 -42.05 17.50 -8.09
C HIS A 187 -41.33 18.84 -8.21
N ASP A 188 -42.05 19.87 -8.63
CA ASP A 188 -41.47 21.19 -8.86
C ASP A 188 -42.39 22.34 -8.47
N LEU A 189 -43.61 22.05 -8.01
CA LEU A 189 -44.57 23.09 -7.62
C LEU A 189 -44.38 23.50 -6.16
N SER A 190 -43.15 23.91 -5.85
CA SER A 190 -42.68 24.22 -4.49
C SER A 190 -42.60 22.95 -3.63
N HIS A 191 -43.28 21.89 -4.06
CA HIS A 191 -43.11 20.59 -3.42
C HIS A 191 -41.67 20.08 -3.53
N ASN A 192 -40.89 20.64 -4.46
CA ASN A 192 -39.48 20.31 -4.58
C ASN A 192 -38.72 20.45 -3.27
N LEU A 193 -39.22 21.28 -2.34
CA LEU A 193 -38.54 21.52 -1.09
C LEU A 193 -39.37 20.94 0.07
N THR A 194 -40.44 21.64 0.46
CA THR A 194 -41.41 21.17 1.45
C THR A 194 -40.74 20.83 2.80
N ALA A 195 -39.49 21.26 2.99
CA ALA A 195 -38.71 20.99 4.20
C ALA A 195 -38.53 19.49 4.45
N ARG A 196 -38.79 18.67 3.43
CA ARG A 196 -38.58 17.22 3.52
C ARG A 196 -37.72 16.78 2.34
N GLN A 197 -38.17 17.12 1.14
CA GLN A 197 -37.46 16.75 -0.08
C GLN A 197 -36.03 17.27 -0.07
N MET A 198 -35.79 18.36 0.66
CA MET A 198 -34.45 18.93 0.76
C MET A 198 -33.46 17.93 1.33
N ALA A 199 -33.91 17.02 2.20
CA ALA A 199 -33.01 16.12 2.89
C ALA A 199 -32.44 15.03 1.98
N TYR A 200 -32.93 14.92 0.75
CA TYR A 200 -32.42 13.89 -0.16
C TYR A 200 -31.17 14.38 -0.89
N PRO A 201 -31.13 15.60 -1.44
CA PRO A 201 -29.84 16.14 -1.91
C PRO A 201 -28.93 16.59 -0.80
N VAL A 202 -29.47 16.94 0.37
CA VAL A 202 -28.62 17.28 1.52
C VAL A 202 -27.81 16.05 1.95
N ILE A 203 -28.49 14.92 2.14
CA ILE A 203 -27.77 13.70 2.52
C ILE A 203 -26.84 13.26 1.39
N ALA A 204 -27.14 13.64 0.15
CA ALA A 204 -26.20 13.38 -0.94
C ALA A 204 -24.97 14.26 -0.81
N GLY A 205 -25.14 15.48 -0.30
CA GLY A 205 -23.98 16.33 -0.07
C GLY A 205 -23.14 15.86 1.10
N ILE A 206 -23.78 15.32 2.13
CA ILE A 206 -23.02 14.79 3.27
C ILE A 206 -22.26 13.54 2.86
N THR A 207 -22.78 12.78 1.89
CA THR A 207 -22.04 11.63 1.38
C THR A 207 -20.83 12.09 0.58
N ILE A 208 -21.02 13.05 -0.34
CA ILE A 208 -19.89 13.59 -1.08
C ILE A 208 -18.92 14.28 -0.15
N GLY A 209 -19.43 15.02 0.83
CA GLY A 209 -18.59 15.63 1.85
C GLY A 209 -17.74 14.61 2.57
N LEU A 210 -18.38 13.64 3.23
CA LEU A 210 -17.65 12.59 3.92
C LEU A 210 -16.77 11.78 2.97
N TYR A 211 -17.08 11.80 1.67
CA TYR A 211 -16.20 11.15 0.70
C TYR A 211 -14.89 11.90 0.55
N VAL A 212 -14.97 13.23 0.43
CA VAL A 212 -13.75 14.02 0.34
C VAL A 212 -13.05 14.12 1.69
N LEU A 213 -13.81 14.16 2.78
CA LEU A 213 -13.23 14.17 4.11
C LEU A 213 -12.49 12.89 4.46
N SER A 214 -12.58 11.85 3.62
CA SER A 214 -11.84 10.62 3.84
C SER A 214 -10.74 10.37 2.82
N TRP A 215 -10.89 10.90 1.61
CA TRP A 215 -9.89 10.79 0.55
C TRP A 215 -9.70 12.15 -0.08
N GLY A 216 -8.45 12.57 -0.23
CA GLY A 216 -8.17 13.90 -0.76
C GLY A 216 -8.73 14.10 -2.16
N ALA A 217 -8.46 13.16 -3.06
CA ALA A 217 -8.91 13.26 -4.44
C ALA A 217 -10.38 12.84 -4.61
N GLY A 218 -11.16 12.82 -3.53
CA GLY A 218 -12.57 12.47 -3.63
C GLY A 218 -13.39 13.42 -4.46
N PHE A 219 -12.87 14.62 -4.72
CA PHE A 219 -13.55 15.59 -5.58
C PHE A 219 -13.77 15.07 -6.99
N ILE A 220 -13.12 13.97 -7.38
CA ILE A 220 -13.26 13.42 -8.72
C ILE A 220 -14.69 12.94 -8.97
N ILE A 221 -15.50 12.79 -7.92
CA ILE A 221 -16.91 12.48 -8.10
C ILE A 221 -17.66 13.65 -8.71
N ALA A 222 -17.14 14.87 -8.58
CA ALA A 222 -17.84 16.04 -9.13
C ALA A 222 -17.83 16.03 -10.66
N PRO A 223 -16.71 15.80 -11.34
CA PRO A 223 -16.79 15.65 -12.81
C PRO A 223 -17.67 14.49 -13.24
N ILE A 224 -17.76 13.44 -12.43
CA ILE A 224 -18.61 12.30 -12.78
C ILE A 224 -20.08 12.72 -12.77
N ILE A 225 -20.50 13.42 -11.72
CA ILE A 225 -21.88 13.89 -11.67
C ILE A 225 -22.10 15.00 -12.69
N LEU A 226 -21.10 15.87 -12.89
CA LEU A 226 -21.20 16.85 -13.95
C LEU A 226 -21.28 16.20 -15.32
N ALA A 227 -20.65 15.03 -15.50
CA ALA A 227 -20.80 14.29 -16.73
C ALA A 227 -22.23 13.81 -16.92
N PHE A 228 -22.92 13.46 -15.83
CA PHE A 228 -24.33 13.11 -15.93
C PHE A 228 -25.14 14.28 -16.47
N MET A 229 -24.94 15.47 -15.91
CA MET A 229 -25.62 16.66 -16.42
C MET A 229 -25.25 16.93 -17.87
N PHE A 230 -23.97 16.75 -18.20
CA PHE A 230 -23.53 17.00 -19.57
C PHE A 230 -24.27 16.11 -20.55
N PHE A 231 -24.21 14.79 -20.34
CA PHE A 231 -24.82 13.86 -21.28
C PHE A 231 -26.35 13.90 -21.21
N ALA A 232 -26.91 14.30 -20.06
CA ALA A 232 -28.37 14.44 -19.99
C ALA A 232 -28.85 15.64 -20.77
N PHE A 233 -28.03 16.68 -20.90
CA PHE A 233 -28.40 17.88 -21.65
C PHE A 233 -28.12 17.73 -23.13
N VAL A 234 -26.92 17.29 -23.49
CA VAL A 234 -26.56 17.18 -24.91
C VAL A 234 -27.35 16.10 -25.61
N LEU A 235 -27.93 15.16 -24.86
CA LEU A 235 -28.75 14.10 -25.44
C LEU A 235 -30.23 14.35 -25.24
N ALA A 236 -30.68 15.59 -25.44
CA ALA A 236 -32.10 15.89 -25.35
C ALA A 236 -32.88 15.28 -26.49
N GLY A 237 -32.22 14.97 -27.61
CA GLY A 237 -32.85 14.30 -28.73
C GLY A 237 -32.79 12.79 -28.66
N PHE A 238 -32.30 12.22 -27.56
CA PHE A 238 -32.21 10.77 -27.40
C PHE A 238 -32.57 10.27 -26.02
N VAL A 239 -32.39 11.06 -24.96
CA VAL A 239 -32.65 10.62 -23.59
C VAL A 239 -33.57 11.64 -22.93
N ASN A 240 -34.48 11.16 -22.09
CA ASN A 240 -35.41 12.01 -21.36
C ASN A 240 -35.01 12.07 -19.89
N ALA A 241 -35.16 13.25 -19.28
CA ALA A 241 -34.86 13.45 -17.88
C ALA A 241 -35.43 14.80 -17.46
N ASP A 242 -35.57 14.98 -16.14
CA ASP A 242 -36.02 16.25 -15.58
C ASP A 242 -34.78 17.11 -15.32
N ARG A 243 -34.32 17.77 -16.39
CA ARG A 243 -33.08 18.53 -16.33
C ARG A 243 -33.14 19.68 -15.34
N LYS A 244 -34.34 20.13 -14.96
CA LYS A 244 -34.47 21.21 -13.99
C LYS A 244 -34.13 20.70 -12.58
N ASN A 245 -34.95 19.79 -12.05
CA ASN A 245 -34.71 19.27 -10.72
C ASN A 245 -33.42 18.48 -10.63
N LEU A 246 -32.96 17.90 -11.75
CA LEU A 246 -31.66 17.24 -11.78
C LEU A 246 -30.54 18.24 -11.51
N SER A 247 -30.71 19.47 -12.00
CA SER A 247 -29.73 20.52 -11.72
C SER A 247 -29.86 21.07 -10.31
N LEU A 248 -31.08 21.07 -9.75
CA LEU A 248 -31.26 21.55 -8.39
C LEU A 248 -30.62 20.59 -7.38
N VAL A 249 -30.93 19.29 -7.49
CA VAL A 249 -30.31 18.32 -6.59
C VAL A 249 -28.81 18.26 -6.78
N ALA A 250 -28.30 18.77 -7.90
CA ALA A 250 -26.86 18.82 -8.12
C ALA A 250 -26.25 20.04 -7.44
N VAL A 251 -26.84 21.22 -7.64
CA VAL A 251 -26.31 22.42 -7.02
C VAL A 251 -26.49 22.38 -5.51
N VAL A 252 -27.54 21.70 -5.03
CA VAL A 252 -27.73 21.55 -3.58
C VAL A 252 -26.72 20.56 -3.01
N THR A 253 -26.52 19.43 -3.68
CA THR A 253 -25.57 18.44 -3.20
C THR A 253 -24.15 19.00 -3.20
N PHE A 254 -23.76 19.70 -4.28
CA PHE A 254 -22.41 20.24 -4.36
C PHE A 254 -22.19 21.35 -3.34
N ALA A 255 -23.20 22.20 -3.12
CA ALA A 255 -23.05 23.29 -2.17
C ALA A 255 -23.00 22.77 -0.73
N VAL A 256 -23.81 21.77 -0.43
CA VAL A 256 -23.79 21.18 0.92
C VAL A 256 -22.45 20.51 1.18
N SER A 257 -21.98 19.70 0.22
CA SER A 257 -20.71 19.01 0.39
C SER A 257 -19.56 20.00 0.53
N ALA A 258 -19.55 21.05 -0.30
CA ALA A 258 -18.54 22.10 -0.16
C ALA A 258 -18.63 22.78 1.20
N LEU A 259 -19.84 22.89 1.76
CA LEU A 259 -19.99 23.48 3.08
C LEU A 259 -19.46 22.55 4.16
N ILE A 260 -19.49 21.24 3.93
CA ILE A 260 -18.94 20.30 4.89
C ILE A 260 -17.42 20.20 4.76
N TYR A 261 -16.90 20.32 3.54
CA TYR A 261 -15.46 20.25 3.33
C TYR A 261 -14.74 21.53 3.69
N LEU A 262 -15.46 22.66 3.72
CA LEU A 262 -14.81 23.95 3.98
C LEU A 262 -14.04 24.00 5.30
N PRO A 263 -14.49 23.39 6.41
CA PRO A 263 -13.66 23.41 7.63
C PRO A 263 -12.24 22.89 7.44
N PHE A 264 -12.07 21.79 6.70
CA PHE A 264 -10.77 21.15 6.55
C PHE A 264 -10.04 21.57 5.28
N ALA A 265 -10.46 22.67 4.67
CA ALA A 265 -9.98 23.05 3.34
C ALA A 265 -8.76 23.94 3.38
N PHE A 266 -8.14 24.16 4.54
CA PHE A 266 -6.97 25.02 4.65
C PHE A 266 -5.89 24.35 5.51
N ASN A 267 -5.47 23.16 5.06
CA ASN A 267 -4.42 22.41 5.75
C ASN A 267 -3.23 22.13 4.83
N TYR A 268 -3.11 22.88 3.73
CA TYR A 268 -1.97 22.77 2.84
C TYR A 268 -1.80 24.08 2.06
N PRO A 269 -0.75 24.84 2.35
CA PRO A 269 -0.53 26.10 1.60
C PRO A 269 -0.24 25.83 0.13
N GLY A 270 -1.17 26.23 -0.73
CA GLY A 270 -1.04 25.97 -2.16
C GLY A 270 -1.96 24.84 -2.60
N PHE A 271 -2.33 24.87 -3.88
CA PHE A 271 -3.25 23.88 -4.41
C PHE A 271 -2.59 22.50 -4.48
N SER A 272 -3.38 21.48 -4.19
CA SER A 272 -2.93 20.09 -4.26
C SER A 272 -4.15 19.20 -4.44
N THR A 273 -4.02 18.19 -5.29
CA THR A 273 -5.11 17.28 -5.58
C THR A 273 -5.21 16.14 -4.57
N ILE A 274 -4.23 15.97 -3.69
CA ILE A 274 -4.21 14.90 -2.70
C ILE A 274 -4.27 15.46 -1.28
N PHE A 275 -3.46 16.49 -1.00
CA PHE A 275 -3.45 17.10 0.32
C PHE A 275 -4.64 18.04 0.47
N TYR A 276 -5.11 18.18 1.71
CA TYR A 276 -6.32 18.94 1.98
C TYR A 276 -6.08 20.43 1.84
N SER A 277 -6.19 20.92 0.62
CA SER A 277 -5.94 22.30 0.23
C SER A 277 -7.24 22.97 -0.20
N PRO A 278 -7.24 24.31 -0.32
CA PRO A 278 -8.45 24.98 -0.83
C PRO A 278 -8.82 24.64 -2.26
N PHE A 279 -8.02 23.81 -2.94
CA PHE A 279 -8.32 23.44 -4.31
C PHE A 279 -9.60 22.62 -4.40
N GLN A 280 -9.72 21.59 -3.57
CA GLN A 280 -10.93 20.77 -3.57
C GLN A 280 -12.16 21.56 -3.17
N LEU A 281 -11.97 22.60 -2.35
CA LEU A 281 -13.10 23.46 -1.99
C LEU A 281 -13.61 24.24 -3.19
N LEU A 282 -12.72 24.56 -4.14
CA LEU A 282 -13.14 25.26 -5.34
C LEU A 282 -13.84 24.34 -6.33
N VAL A 283 -13.45 23.08 -6.39
CA VAL A 283 -14.09 22.13 -7.32
C VAL A 283 -15.53 21.88 -6.90
N LEU A 284 -15.77 21.68 -5.60
CA LEU A 284 -17.12 21.42 -5.12
C LEU A 284 -18.00 22.66 -5.24
N LEU A 285 -17.47 23.83 -4.89
CA LEU A 285 -18.22 25.07 -5.08
C LEU A 285 -18.40 25.37 -6.56
N GLY A 286 -17.37 25.14 -7.37
CA GLY A 286 -17.48 25.39 -8.80
C GLY A 286 -18.48 24.46 -9.48
N SER A 287 -18.47 23.19 -9.10
CA SER A 287 -19.42 22.24 -9.66
C SER A 287 -20.86 22.65 -9.36
N ALA A 288 -21.10 23.25 -8.20
CA ALA A 288 -22.44 23.76 -7.90
C ALA A 288 -22.82 24.89 -8.84
N VAL A 289 -21.86 25.77 -9.16
CA VAL A 289 -22.16 26.88 -10.07
C VAL A 289 -22.41 26.36 -11.48
N ILE A 290 -21.63 25.38 -11.94
CA ILE A 290 -21.91 24.76 -13.23
C ILE A 290 -23.24 24.03 -13.19
N ALA A 291 -23.60 23.44 -12.04
CA ALA A 291 -24.91 22.82 -11.90
C ALA A 291 -26.02 23.86 -11.99
N ALA A 292 -25.87 24.98 -11.28
CA ALA A 292 -26.83 26.07 -11.40
C ALA A 292 -26.77 26.69 -12.80
N ALA A 293 -25.62 26.61 -13.46
CA ALA A 293 -25.53 27.07 -14.85
C ALA A 293 -26.38 26.19 -15.76
N PHE A 294 -26.32 24.87 -15.56
CA PHE A 294 -27.20 23.98 -16.31
C PHE A 294 -28.67 24.26 -16.04
N TYR A 295 -28.98 24.76 -14.84
CA TYR A 295 -30.37 25.01 -14.48
C TYR A 295 -30.96 26.15 -15.30
N GLN A 296 -30.21 27.24 -15.47
CA GLN A 296 -30.73 28.37 -16.25
C GLN A 296 -30.67 28.13 -17.75
N ILE A 297 -29.79 27.24 -18.23
CA ILE A 297 -29.87 26.80 -19.62
C ILE A 297 -31.18 26.06 -19.87
N GLU A 298 -31.59 25.24 -18.90
CA GLU A 298 -32.84 24.51 -19.05
C GLU A 298 -34.04 25.44 -18.87
N LYS A 299 -33.94 26.39 -17.94
CA LYS A 299 -35.03 27.35 -17.76
C LYS A 299 -35.23 28.20 -19.01
N TRP A 300 -34.13 28.53 -19.70
CA TRP A 300 -34.25 29.25 -20.96
C TRP A 300 -34.82 28.36 -22.07
N ASN A 301 -34.36 27.12 -22.14
CA ASN A 301 -34.88 26.18 -23.12
C ASN A 301 -36.37 25.91 -22.92
N ASP A 302 -36.88 26.15 -21.72
CA ASP A 302 -38.32 25.97 -21.48
C ASP A 302 -39.15 26.99 -22.23
N VAL A 303 -38.63 28.21 -22.43
CA VAL A 303 -39.37 29.29 -23.06
C VAL A 303 -39.14 29.23 -24.57
N GLY A 304 -38.44 28.19 -25.02
CA GLY A 304 -38.09 28.12 -26.42
C GLY A 304 -37.01 29.10 -26.81
N PHE A 305 -36.04 29.33 -25.91
CA PHE A 305 -34.95 30.25 -26.20
C PHE A 305 -34.16 29.81 -27.43
N PHE A 306 -34.08 28.50 -27.67
CA PHE A 306 -33.39 27.95 -28.82
C PHE A 306 -34.33 27.60 -29.96
N GLU A 307 -35.56 28.10 -29.91
CA GLU A 307 -36.54 27.98 -30.99
C GLU A 307 -37.02 29.32 -31.50
N ARG A 308 -37.26 30.28 -30.61
CA ARG A 308 -37.61 31.64 -31.01
C ARG A 308 -36.41 32.38 -31.59
N VAL A 309 -35.21 31.82 -31.50
CA VAL A 309 -34.01 32.43 -32.06
C VAL A 309 -33.68 31.92 -33.45
N GLY A 310 -34.31 30.83 -33.89
CA GLY A 310 -33.98 30.23 -35.17
C GLY A 310 -32.93 29.16 -35.11
N LEU A 311 -32.78 28.50 -33.95
CA LEU A 311 -31.73 27.49 -33.76
C LEU A 311 -32.25 26.08 -34.03
N GLY A 312 -33.30 25.68 -33.33
CA GLY A 312 -33.81 24.32 -33.44
C GLY A 312 -33.40 23.48 -32.26
N ARG A 313 -34.29 22.58 -31.83
CA ARG A 313 -33.99 21.72 -30.69
C ARG A 313 -32.81 20.78 -30.98
N LYS A 314 -32.50 20.55 -32.26
CA LYS A 314 -31.27 19.87 -32.63
C LYS A 314 -30.04 20.65 -32.19
N GLY A 315 -30.18 21.95 -31.93
CA GLY A 315 -29.04 22.80 -31.62
C GLY A 315 -28.93 23.25 -30.18
N MET A 316 -29.85 22.80 -29.32
CA MET A 316 -29.71 23.11 -27.90
C MET A 316 -28.46 22.51 -27.27
N PRO A 317 -28.07 21.26 -27.57
CA PRO A 317 -26.82 20.73 -26.97
C PRO A 317 -25.60 21.60 -27.23
N LEU A 318 -25.58 22.33 -28.34
CA LEU A 318 -24.44 23.21 -28.62
C LEU A 318 -24.32 24.31 -27.58
N ALA A 319 -25.44 24.73 -26.98
CA ALA A 319 -25.36 25.69 -25.88
C ALA A 319 -24.59 25.10 -24.71
N VAL A 320 -24.76 23.81 -24.44
CA VAL A 320 -23.97 23.15 -23.41
C VAL A 320 -22.54 22.96 -23.88
N ILE A 321 -22.35 22.59 -25.15
CA ILE A 321 -21.01 22.46 -25.71
C ILE A 321 -20.25 23.77 -25.56
N VAL A 322 -20.93 24.90 -25.80
CA VAL A 322 -20.31 26.21 -25.61
C VAL A 322 -19.96 26.42 -24.13
N LEU A 323 -20.97 26.35 -23.26
CA LEU A 323 -20.75 26.63 -21.84
C LEU A 323 -19.75 25.66 -21.23
N THR A 324 -19.81 24.39 -21.61
CA THR A 324 -18.82 23.41 -21.17
C THR A 324 -17.57 23.41 -22.04
N ALA A 325 -17.36 24.46 -22.82
CA ALA A 325 -16.07 24.75 -23.42
C ALA A 325 -15.52 26.10 -22.98
N LEU A 326 -16.33 26.92 -22.32
CA LEU A 326 -15.90 28.20 -21.77
C LEU A 326 -15.33 28.03 -20.36
N ILE A 327 -16.14 27.47 -19.46
CA ILE A 327 -15.70 27.29 -18.08
C ILE A 327 -14.46 26.41 -18.02
N MET A 328 -14.36 25.43 -18.90
CA MET A 328 -13.15 24.64 -19.05
C MET A 328 -12.14 25.29 -20.00
N GLY A 329 -12.51 26.41 -20.62
CA GLY A 329 -11.57 27.15 -21.44
C GLY A 329 -11.02 28.35 -20.70
N LEU A 330 -11.73 28.78 -19.66
CA LEU A 330 -11.30 29.89 -18.82
C LEU A 330 -10.77 29.45 -17.47
N PHE A 331 -10.77 28.14 -17.19
CA PHE A 331 -10.36 27.68 -15.86
C PHE A 331 -8.86 27.85 -15.64
N PHE A 332 -8.06 27.68 -16.70
CA PHE A 332 -6.62 27.88 -16.60
C PHE A 332 -6.25 29.36 -16.57
N VAL A 333 -7.21 30.25 -16.82
CA VAL A 333 -6.91 31.68 -16.88
C VAL A 333 -6.73 32.26 -15.49
N ILE A 334 -7.65 31.95 -14.57
CA ILE A 334 -7.58 32.48 -13.21
C ILE A 334 -6.53 31.74 -12.40
N PRO A 351 4.78 6.29 -17.19
CA PRO A 351 5.79 6.68 -18.17
C PRO A 351 7.19 6.37 -17.67
N LYS A 352 7.39 6.49 -16.36
CA LYS A 352 8.63 6.10 -15.71
C LYS A 352 8.29 4.93 -14.78
N GLY A 353 8.24 3.73 -15.35
CA GLY A 353 7.89 2.55 -14.60
C GLY A 353 8.91 2.15 -13.54
N GLY A 354 10.09 2.77 -13.54
CA GLY A 354 11.09 2.42 -12.56
C GLY A 354 10.76 2.90 -11.16
N ALA A 355 10.28 4.14 -11.05
CA ALA A 355 9.88 4.67 -9.76
C ALA A 355 8.56 4.07 -9.26
N LEU A 356 7.95 3.15 -10.01
CA LEU A 356 6.66 2.58 -9.64
C LEU A 356 6.77 1.07 -9.48
N THR A 357 7.84 0.60 -8.84
CA THR A 357 7.99 -0.82 -8.52
C THR A 357 7.06 -1.29 -7.43
N ILE A 358 6.14 -0.45 -6.97
CA ILE A 358 5.23 -0.85 -5.91
C ILE A 358 4.18 -1.81 -6.47
N ALA A 359 3.61 -2.61 -5.55
CA ALA A 359 2.63 -3.62 -5.94
C ALA A 359 1.25 -3.03 -6.18
N GLU A 360 0.93 -1.88 -5.58
CA GLU A 360 -0.41 -1.33 -5.69
C GLU A 360 -0.72 -0.84 -7.11
N VAL A 361 0.28 -0.30 -7.81
CA VAL A 361 0.07 0.22 -9.15
C VAL A 361 0.84 -0.65 -10.14
N TYR A 362 0.21 -0.92 -11.29
CA TYR A 362 0.77 -1.56 -12.47
C TYR A 362 -0.37 -1.78 -13.45
N PRO A 363 -0.08 -1.82 -14.77
CA PRO A 363 -1.16 -1.95 -15.75
C PRO A 363 -2.04 -3.17 -15.54
N PHE A 364 -3.29 -2.94 -15.13
CA PHE A 364 -4.26 -4.03 -15.01
C PHE A 364 -4.55 -4.60 -16.40
N PHE A 365 -5.04 -5.84 -16.40
CA PHE A 365 -5.24 -6.61 -17.64
C PHE A 365 -3.94 -6.74 -18.43
N PHE A 366 -2.80 -6.66 -17.76
CA PHE A 366 -1.51 -6.69 -18.42
C PHE A 366 -0.49 -7.37 -17.50
N THR A 367 0.31 -8.26 -18.08
CA THR A 367 1.32 -8.99 -17.33
C THR A 367 2.44 -8.05 -16.90
N HIS A 368 3.15 -8.44 -15.84
CA HIS A 368 4.30 -7.66 -15.39
C HIS A 368 5.45 -7.67 -16.40
N ASN A 369 5.44 -8.60 -17.36
CA ASN A 369 6.33 -8.52 -18.51
C ASN A 369 5.71 -7.80 -19.69
N GLY A 370 4.42 -7.47 -19.62
CA GLY A 370 3.75 -6.79 -20.71
C GLY A 370 3.03 -7.74 -21.65
N GLU A 371 1.85 -8.20 -21.25
CA GLU A 371 1.05 -9.11 -22.06
C GLU A 371 -0.38 -9.09 -21.54
N PHE A 372 -1.33 -8.98 -22.46
CA PHE A 372 -2.75 -8.93 -22.08
C PHE A 372 -3.17 -10.26 -21.47
N THR A 373 -3.69 -10.20 -20.25
CA THR A 373 -4.24 -11.38 -19.58
C THR A 373 -5.34 -10.93 -18.63
N LEU A 374 -6.35 -11.78 -18.48
CA LEU A 374 -7.48 -11.49 -17.61
C LEU A 374 -7.32 -12.13 -16.24
N THR A 375 -6.19 -12.78 -15.96
CA THR A 375 -5.96 -13.39 -14.66
C THR A 375 -6.08 -12.38 -13.53
N ASN A 376 -5.78 -11.11 -13.81
CA ASN A 376 -5.98 -10.06 -12.81
C ASN A 376 -7.46 -9.86 -12.52
N ALA A 377 -8.30 -9.86 -13.57
CA ALA A 377 -9.73 -9.66 -13.38
C ALA A 377 -10.37 -10.84 -12.66
N VAL A 378 -9.80 -12.04 -12.81
CA VAL A 378 -10.33 -13.21 -12.10
C VAL A 378 -9.95 -13.16 -10.63
N LEU A 379 -8.69 -12.84 -10.33
CA LEU A 379 -8.21 -12.91 -8.95
C LEU A 379 -8.79 -11.82 -8.07
N HIS A 380 -9.27 -10.71 -8.64
CA HIS A 380 -9.81 -9.62 -7.85
C HIS A 380 -11.33 -9.52 -7.88
N PHE A 381 -12.00 -10.22 -8.79
CA PHE A 381 -13.45 -10.16 -8.87
C PHE A 381 -14.13 -11.52 -9.00
N GLY A 382 -13.37 -12.60 -9.18
CA GLY A 382 -13.99 -13.90 -9.35
C GLY A 382 -14.78 -13.96 -10.64
N ALA A 383 -15.98 -14.51 -10.55
CA ALA A 383 -16.88 -14.53 -11.69
C ALA A 383 -17.65 -13.23 -11.87
N LEU A 384 -17.63 -12.35 -10.88
CA LEU A 384 -18.40 -11.11 -10.94
C LEU A 384 -17.90 -10.16 -12.02
N PHE A 385 -16.64 -10.28 -12.43
CA PHE A 385 -16.14 -9.42 -13.50
C PHE A 385 -16.77 -9.79 -14.84
N PHE A 386 -16.85 -11.08 -15.15
CA PHE A 386 -17.41 -11.52 -16.41
C PHE A 386 -18.93 -11.46 -16.41
N PHE A 387 -19.56 -11.70 -15.27
CA PHE A 387 -20.99 -11.43 -15.16
C PHE A 387 -21.28 -9.93 -15.15
N GLY A 388 -20.32 -9.13 -14.69
CA GLY A 388 -20.49 -7.68 -14.72
C GLY A 388 -20.37 -7.12 -16.13
N MET A 389 -19.39 -7.60 -16.90
CA MET A 389 -19.26 -7.17 -18.28
C MET A 389 -20.51 -7.50 -19.09
N ALA A 390 -21.06 -8.70 -18.89
CA ALA A 390 -22.33 -9.04 -19.52
C ALA A 390 -23.47 -8.17 -19.01
N GLY A 391 -23.37 -7.69 -17.77
CA GLY A 391 -24.35 -6.79 -17.22
C GLY A 391 -24.22 -5.39 -17.78
N ILE A 392 -22.98 -4.91 -17.91
CA ILE A 392 -22.74 -3.61 -18.53
C ILE A 392 -23.15 -3.64 -19.99
N LEU A 393 -22.92 -4.76 -20.68
CA LEU A 393 -23.27 -4.86 -22.08
C LEU A 393 -24.78 -4.85 -22.29
N TYR A 394 -25.52 -5.58 -21.47
CA TYR A 394 -26.98 -5.56 -21.59
C TYR A 394 -27.53 -4.21 -21.16
N SER A 395 -26.99 -3.63 -20.09
CA SER A 395 -27.42 -2.31 -19.65
C SER A 395 -27.16 -1.24 -20.70
N ALA A 396 -26.18 -1.46 -21.59
CA ALA A 396 -25.95 -0.53 -22.69
C ALA A 396 -27.10 -0.58 -23.69
N TYR A 397 -27.49 -1.78 -24.12
CA TYR A 397 -28.60 -1.91 -25.05
C TYR A 397 -29.94 -1.68 -24.36
N ARG A 398 -30.06 -2.06 -23.10
CA ARG A 398 -31.26 -1.73 -22.33
C ARG A 398 -31.46 -0.23 -22.24
N PHE A 399 -30.37 0.53 -22.14
CA PHE A 399 -30.47 1.98 -22.21
C PHE A 399 -30.61 2.45 -23.66
N LEU A 400 -29.94 1.77 -24.60
CA LEU A 400 -30.02 2.18 -25.99
C LEU A 400 -31.43 2.06 -26.56
N LYS A 401 -32.32 1.34 -25.87
CA LYS A 401 -33.70 1.18 -26.31
C LYS A 401 -34.69 1.85 -25.36
N ARG A 402 -34.57 1.63 -24.05
CA ARG A 402 -35.44 2.31 -23.11
C ARG A 402 -35.11 3.80 -23.02
N ARG A 403 -33.85 4.17 -23.25
CA ARG A 403 -33.38 5.55 -23.13
C ARG A 403 -33.64 6.10 -21.73
N SER A 404 -33.36 5.28 -20.72
CA SER A 404 -33.47 5.70 -19.33
C SER A 404 -32.21 6.46 -18.92
N PHE A 405 -32.40 7.60 -18.24
CA PHE A 405 -31.24 8.41 -17.84
C PHE A 405 -30.40 7.71 -16.77
N PRO A 406 -30.94 7.33 -15.61
CA PRO A 406 -30.08 6.78 -14.55
C PRO A 406 -29.37 5.50 -14.94
N GLU A 407 -29.87 4.78 -15.95
CA GLU A 407 -29.12 3.65 -16.48
C GLU A 407 -27.92 4.12 -17.29
N MET A 408 -28.08 5.22 -18.03
CA MET A 408 -26.94 5.82 -18.71
C MET A 408 -25.95 6.43 -17.72
N ALA A 409 -26.47 7.09 -16.68
CA ALA A 409 -25.59 7.66 -15.66
C ALA A 409 -24.79 6.58 -14.96
N LEU A 410 -25.43 5.46 -14.63
CA LEU A 410 -24.70 4.35 -14.02
C LEU A 410 -23.65 3.80 -14.98
N LEU A 411 -23.93 3.82 -16.28
CA LEU A 411 -22.95 3.38 -17.27
C LEU A 411 -21.75 4.32 -17.29
N ILE A 412 -21.99 5.63 -17.17
CA ILE A 412 -20.89 6.59 -17.13
C ILE A 412 -19.97 6.30 -15.94
N TRP A 413 -20.56 6.02 -14.78
CA TRP A 413 -19.75 5.63 -13.63
C TRP A 413 -19.05 4.30 -13.85
N ALA A 414 -19.71 3.37 -14.55
CA ALA A 414 -19.07 2.09 -14.86
C ALA A 414 -17.88 2.28 -15.80
N ILE A 415 -18.03 3.13 -16.82
CA ILE A 415 -16.91 3.41 -17.72
C ILE A 415 -15.81 4.13 -16.98
N ALA A 416 -16.18 5.06 -16.08
CA ALA A 416 -15.17 5.83 -15.35
C ALA A 416 -14.31 4.93 -14.46
N MET A 417 -14.95 4.03 -13.73
CA MET A 417 -14.20 3.11 -12.87
C MET A 417 -13.40 2.11 -13.69
N PHE A 418 -13.81 1.83 -14.94
CA PHE A 418 -13.03 0.94 -15.79
C PHE A 418 -11.80 1.65 -16.37
N ILE A 419 -11.94 2.94 -16.69
CA ILE A 419 -10.79 3.70 -17.16
C ILE A 419 -9.71 3.77 -16.09
N ALA A 420 -10.12 4.07 -14.85
CA ALA A 420 -9.16 4.11 -13.75
C ALA A 420 -8.58 2.73 -13.47
N LEU A 421 -9.40 1.68 -13.60
CA LEU A 421 -8.89 0.33 -13.41
C LEU A 421 -7.98 -0.11 -14.54
N TRP A 422 -8.25 0.36 -15.76
CA TRP A 422 -7.48 -0.08 -16.93
C TRP A 422 -6.01 0.30 -16.82
N GLY A 423 -5.70 1.36 -16.08
CA GLY A 423 -4.33 1.83 -15.99
C GLY A 423 -3.61 1.45 -14.72
N GLN A 424 -4.33 1.44 -13.59
CA GLN A 424 -3.71 1.30 -12.28
C GLN A 424 -4.35 0.13 -11.54
N ASN A 425 -3.50 -0.76 -11.02
CA ASN A 425 -3.97 -1.90 -10.20
C ASN A 425 -4.76 -1.45 -8.97
N ARG A 426 -4.32 -0.36 -8.36
CA ARG A 426 -4.78 0.07 -7.06
C ARG A 426 -6.29 0.22 -7.01
N PHE A 427 -6.86 0.70 -8.11
CA PHE A 427 -8.29 0.96 -8.18
C PHE A 427 -9.09 -0.28 -8.53
N ALA A 428 -8.69 -1.44 -8.00
CA ALA A 428 -9.49 -2.65 -8.16
C ALA A 428 -10.68 -2.67 -7.20
N TYR A 429 -10.61 -1.92 -6.10
CA TYR A 429 -11.73 -1.85 -5.17
C TYR A 429 -12.82 -0.91 -5.64
N TYR A 430 -12.52 0.00 -6.56
CA TYR A 430 -13.55 0.86 -7.11
C TYR A 430 -14.43 0.11 -8.10
N PHE A 431 -13.91 -0.95 -8.72
CA PHE A 431 -14.65 -1.70 -9.72
C PHE A 431 -15.42 -2.88 -9.13
N ALA A 432 -15.17 -3.24 -7.88
CA ALA A 432 -15.93 -4.31 -7.25
C ALA A 432 -17.41 -3.96 -7.18
N ALA A 433 -17.73 -2.72 -6.84
CA ALA A 433 -19.13 -2.29 -6.84
C ALA A 433 -19.69 -2.21 -8.25
N VAL A 434 -18.84 -1.88 -9.24
CA VAL A 434 -19.30 -1.87 -10.62
C VAL A 434 -19.69 -3.28 -11.05
N SER A 435 -18.82 -4.26 -10.77
CA SER A 435 -19.09 -5.63 -11.16
C SER A 435 -20.26 -6.22 -10.38
N ALA A 436 -20.31 -5.96 -9.06
CA ALA A 436 -21.37 -6.54 -8.24
C ALA A 436 -22.74 -5.97 -8.64
N VAL A 437 -22.80 -4.67 -8.92
CA VAL A 437 -24.07 -4.06 -9.31
C VAL A 437 -24.51 -4.56 -10.69
N TYR A 438 -23.55 -4.73 -11.60
CA TYR A 438 -23.89 -5.14 -12.97
C TYR A 438 -23.97 -6.66 -13.12
N SER A 439 -23.26 -7.43 -12.30
CA SER A 439 -23.51 -8.86 -12.28
C SER A 439 -24.90 -9.17 -11.74
N ALA A 440 -25.39 -8.34 -10.82
CA ALA A 440 -26.75 -8.52 -10.31
C ALA A 440 -27.78 -8.31 -11.41
N LEU A 441 -27.58 -7.30 -12.25
CA LEU A 441 -28.44 -7.11 -13.40
C LEU A 441 -28.42 -8.35 -14.30
N ALA A 442 -27.24 -8.81 -14.67
CA ALA A 442 -27.14 -10.01 -15.50
C ALA A 442 -27.76 -11.21 -14.82
N LEU A 443 -27.69 -11.28 -13.49
CA LEU A 443 -28.32 -12.39 -12.76
C LEU A 443 -29.83 -12.18 -12.63
N SER A 444 -30.27 -10.93 -12.46
CA SER A 444 -31.70 -10.66 -12.34
C SER A 444 -32.44 -10.93 -13.65
N VAL A 445 -31.73 -10.84 -14.79
CA VAL A 445 -32.37 -11.11 -16.07
C VAL A 445 -32.53 -12.61 -16.29
N VAL A 446 -31.46 -13.38 -16.05
CA VAL A 446 -31.54 -14.83 -16.25
C VAL A 446 -32.41 -15.49 -15.18
N PHE A 447 -32.65 -14.83 -14.05
CA PHE A 447 -33.57 -15.38 -13.06
C PHE A 447 -35.01 -15.10 -13.43
N ASP A 448 -35.26 -14.03 -14.19
CA ASP A 448 -36.62 -13.71 -14.61
C ASP A 448 -37.04 -14.54 -15.81
N LYS A 449 -36.15 -14.75 -16.77
CA LYS A 449 -36.48 -15.47 -17.99
C LYS A 449 -36.26 -16.97 -17.89
N LEU A 450 -35.66 -17.46 -16.80
CA LEU A 450 -35.55 -18.89 -16.56
C LEU A 450 -36.47 -19.35 -15.43
N HIS A 451 -37.46 -18.53 -15.08
CA HIS A 451 -38.54 -18.88 -14.14
C HIS A 451 -38.02 -19.16 -12.73
N LEU A 452 -36.85 -18.64 -12.35
CA LEU A 452 -36.40 -18.87 -10.99
C LEU A 452 -37.19 -18.00 -10.02
N TYR A 453 -37.64 -16.83 -10.48
CA TYR A 453 -38.50 -15.98 -9.67
C TYR A 453 -39.91 -16.57 -9.56
N ARG A 454 -40.41 -17.15 -10.65
CA ARG A 454 -41.69 -17.85 -10.59
C ARG A 454 -41.61 -19.04 -9.64
N ALA A 455 -40.48 -19.73 -9.63
CA ALA A 455 -40.30 -20.86 -8.73
C ALA A 455 -40.29 -20.40 -7.27
N LEU A 456 -39.56 -19.32 -6.97
CA LEU A 456 -39.58 -18.79 -5.61
C LEU A 456 -40.94 -18.22 -5.25
N GLU A 457 -41.69 -17.77 -6.25
CA GLU A 457 -43.04 -17.27 -5.98
C GLU A 457 -44.00 -18.42 -5.70
N ASN A 458 -43.94 -19.48 -6.52
CA ASN A 458 -44.96 -20.52 -6.48
C ASN A 458 -44.65 -21.65 -5.51
N ALA A 459 -43.37 -22.00 -5.33
CA ALA A 459 -43.01 -23.00 -4.34
C ALA A 459 -43.32 -22.53 -2.93
N ILE A 460 -43.56 -21.23 -2.75
CA ILE A 460 -44.03 -20.70 -1.48
C ILE A 460 -45.48 -20.24 -1.55
N GLY A 461 -45.95 -19.77 -2.71
CA GLY A 461 -47.31 -19.33 -2.85
C GLY A 461 -48.13 -20.12 -3.86
N ALA A 462 -48.67 -19.43 -4.87
CA ALA A 462 -49.54 -20.04 -5.86
C ALA A 462 -48.76 -20.39 -7.12
N ARG A 463 -49.06 -21.56 -7.69
CA ARG A 463 -48.29 -22.07 -8.81
C ARG A 463 -48.52 -21.24 -10.07
N ASN A 464 -47.46 -21.10 -10.86
CA ASN A 464 -47.47 -20.38 -12.13
C ASN A 464 -47.12 -21.36 -13.26
N LYS A 465 -47.14 -20.85 -14.49
CA LYS A 465 -46.79 -21.63 -15.66
C LYS A 465 -45.28 -21.52 -15.86
N LEU A 466 -44.54 -22.52 -15.37
CA LEU A 466 -43.08 -22.47 -15.40
C LEU A 466 -42.50 -23.76 -15.96
N SER A 467 -41.18 -23.89 -15.93
CA SER A 467 -40.49 -25.10 -16.35
C SER A 467 -39.35 -25.37 -15.37
N TYR A 468 -39.44 -26.50 -14.67
CA TYR A 468 -38.36 -26.88 -13.74
C TYR A 468 -37.04 -27.07 -14.47
N PHE A 469 -37.07 -27.33 -15.77
CA PHE A 469 -35.83 -27.47 -16.53
C PHE A 469 -35.11 -26.14 -16.66
N ARG A 470 -35.85 -25.05 -16.91
CA ARG A 470 -35.23 -23.74 -16.97
C ARG A 470 -34.77 -23.29 -15.60
N VAL A 471 -35.49 -23.65 -14.54
CA VAL A 471 -35.11 -23.25 -13.19
C VAL A 471 -33.79 -23.92 -12.80
N ALA A 472 -33.58 -25.16 -13.24
CA ALA A 472 -32.33 -25.84 -12.92
C ALA A 472 -31.14 -25.11 -13.51
N PHE A 473 -31.22 -24.76 -14.80
CA PHE A 473 -30.16 -23.97 -15.41
C PHE A 473 -30.01 -22.61 -14.75
N ALA A 474 -31.10 -22.08 -14.18
CA ALA A 474 -31.03 -20.79 -13.52
C ALA A 474 -30.19 -20.86 -12.25
N LEU A 475 -30.27 -21.97 -11.52
CA LEU A 475 -29.39 -22.16 -10.37
C LEU A 475 -27.97 -22.53 -10.80
N LEU A 476 -27.83 -23.25 -11.91
CA LEU A 476 -26.50 -23.56 -12.41
C LEU A 476 -25.74 -22.30 -12.79
N ILE A 477 -26.45 -21.30 -13.32
CA ILE A 477 -25.83 -20.01 -13.62
C ILE A 477 -25.44 -19.29 -12.33
N ALA A 478 -26.30 -19.34 -11.31
CA ALA A 478 -26.00 -18.69 -10.04
C ALA A 478 -24.76 -19.29 -9.40
N LEU A 479 -24.61 -20.62 -9.48
CA LEU A 479 -23.42 -21.25 -8.91
C LEU A 479 -22.16 -20.81 -9.63
N ALA A 480 -22.21 -20.72 -10.96
CA ALA A 480 -21.04 -20.29 -11.72
C ALA A 480 -20.65 -18.85 -11.42
N ALA A 481 -21.55 -18.09 -10.79
CA ALA A 481 -21.27 -16.70 -10.43
C ALA A 481 -20.97 -16.52 -8.94
N ILE A 482 -21.25 -17.52 -8.11
CA ILE A 482 -21.12 -17.39 -6.66
C ILE A 482 -19.99 -18.27 -6.12
N TYR A 483 -19.87 -19.50 -6.61
CA TYR A 483 -18.84 -20.39 -6.07
C TYR A 483 -17.43 -19.90 -6.34
N PRO A 484 -17.04 -19.57 -7.58
CA PRO A 484 -15.66 -19.07 -7.77
C PRO A 484 -15.42 -17.76 -7.06
N THR A 485 -16.44 -16.92 -6.93
CA THR A 485 -16.29 -15.65 -6.22
C THR A 485 -16.04 -15.88 -4.73
N TYR A 486 -16.82 -16.78 -4.11
CA TYR A 486 -16.63 -17.04 -2.69
C TYR A 486 -15.37 -17.84 -2.42
N ILE A 487 -15.07 -18.83 -3.26
CA ILE A 487 -13.92 -19.69 -3.02
C ILE A 487 -12.62 -18.91 -3.09
N LEU A 488 -12.60 -17.79 -3.82
CA LEU A 488 -11.45 -16.90 -3.81
C LEU A 488 -11.43 -16.03 -2.55
N ALA A 489 -12.57 -15.42 -2.23
CA ALA A 489 -12.65 -14.55 -1.06
C ALA A 489 -12.45 -15.34 0.23
N ASP A 490 -12.87 -16.61 0.26
CA ASP A 490 -12.67 -17.41 1.47
C ASP A 490 -11.19 -17.67 1.72
N ALA A 491 -10.43 -17.96 0.66
CA ALA A 491 -9.00 -18.24 0.83
C ALA A 491 -8.18 -16.96 0.94
N GLN A 492 -8.61 -15.88 0.29
CA GLN A 492 -7.87 -14.63 0.34
C GLN A 492 -8.04 -13.89 1.66
N SER A 493 -8.96 -14.32 2.52
CA SER A 493 -9.26 -13.64 3.76
C SER A 493 -8.76 -14.40 4.98
N SER A 494 -7.87 -15.38 4.79
CA SER A 494 -7.35 -16.20 5.89
C SER A 494 -5.96 -15.74 6.34
N TYR A 495 -5.65 -14.46 6.16
CA TYR A 495 -4.38 -13.91 6.63
C TYR A 495 -4.53 -12.40 6.80
N ALA A 496 -3.62 -11.83 7.59
CA ALA A 496 -3.66 -10.39 7.90
C ALA A 496 -2.83 -9.60 6.89
N GLY A 497 -1.52 -9.81 6.89
CA GLY A 497 -0.64 -9.12 5.97
C GLY A 497 0.05 -7.92 6.57
N GLY A 498 0.55 -8.07 7.80
CA GLY A 498 1.28 -7.03 8.47
C GLY A 498 2.72 -7.41 8.73
N PRO A 499 3.36 -6.73 9.69
CA PRO A 499 4.74 -7.09 10.02
C PRO A 499 4.81 -8.41 10.78
N ASN A 500 5.81 -9.21 10.43
CA ASN A 500 5.99 -10.50 11.08
C ASN A 500 6.56 -10.31 12.49
N LYS A 501 6.79 -11.43 13.18
CA LYS A 501 7.34 -11.37 14.52
C LYS A 501 8.77 -10.84 14.51
N GLN A 502 9.54 -11.20 13.47
CA GLN A 502 10.93 -10.76 13.40
C GLN A 502 11.04 -9.24 13.29
N TRP A 503 10.06 -8.60 12.67
CA TRP A 503 10.07 -7.15 12.54
C TRP A 503 9.50 -6.45 13.77
N TYR A 504 8.39 -6.96 14.32
CA TYR A 504 7.79 -6.32 15.49
C TYR A 504 8.70 -6.45 16.71
N ASP A 505 9.29 -7.62 16.92
CA ASP A 505 10.19 -7.78 18.06
C ASP A 505 11.46 -6.97 17.89
N ALA A 506 11.88 -6.72 16.64
CA ALA A 506 13.07 -5.91 16.41
C ALA A 506 12.79 -4.42 16.59
N LEU A 507 11.55 -3.99 16.32
CA LEU A 507 11.20 -2.58 16.43
C LEU A 507 10.84 -2.18 17.85
N THR A 508 10.14 -3.05 18.60
CA THR A 508 9.86 -2.76 20.00
C THR A 508 11.14 -2.76 20.83
N TRP A 509 12.15 -3.53 20.41
CA TRP A 509 13.44 -3.48 21.08
C TRP A 509 14.12 -2.12 20.88
N MET A 510 13.95 -1.54 19.68
CA MET A 510 14.54 -0.23 19.40
C MET A 510 13.90 0.85 20.26
N ARG A 511 12.59 0.76 20.50
CA ARG A 511 11.90 1.75 21.33
C ARG A 511 12.45 1.77 22.75
N GLU A 512 12.98 0.64 23.23
CA GLU A 512 13.42 0.51 24.60
C GLU A 512 14.91 0.75 24.80
N ASN A 513 15.76 0.27 23.89
CA ASN A 513 17.20 0.26 24.10
C ASN A 513 17.95 1.31 23.29
N THR A 514 17.24 2.24 22.65
CA THR A 514 17.92 3.34 21.99
C THR A 514 17.72 4.64 22.77
N PRO A 515 18.70 5.53 22.76
CA PRO A 515 18.61 6.75 23.58
C PRO A 515 17.44 7.63 23.18
N ASP A 516 17.18 8.63 24.03
CA ASP A 516 16.10 9.60 23.83
C ASP A 516 14.74 8.91 23.76
N GLY A 517 14.58 7.85 24.56
CA GLY A 517 13.34 7.08 24.51
C GLY A 517 12.13 7.89 24.92
N GLU A 518 12.21 8.54 26.09
CA GLU A 518 11.06 9.29 26.59
C GLU A 518 10.87 10.59 25.83
N LYS A 519 11.93 11.13 25.25
CA LYS A 519 11.78 12.36 24.46
C LYS A 519 11.03 12.10 23.17
N TYR A 520 11.26 10.94 22.55
CA TYR A 520 10.53 10.59 21.33
C TYR A 520 9.08 10.27 21.65
N ASP A 521 8.83 9.54 22.74
CA ASP A 521 7.46 9.21 23.13
C ASP A 521 6.65 10.46 23.45
N GLU A 522 7.30 11.51 23.95
CA GLU A 522 6.60 12.76 24.22
C GLU A 522 6.35 13.54 22.94
N TYR A 523 7.34 13.62 22.05
CA TYR A 523 7.17 14.31 20.79
C TYR A 523 6.34 13.50 19.79
N TYR A 524 6.20 12.20 20.01
CA TYR A 524 5.32 11.38 19.18
C TYR A 524 3.87 11.82 19.31
N LEU A 525 3.50 12.44 20.42
CA LEU A 525 2.12 12.81 20.70
C LEU A 525 1.87 14.31 20.68
N GLN A 526 2.90 15.12 20.49
CA GLN A 526 2.71 16.57 20.44
C GLN A 526 1.99 16.97 19.16
N LEU A 527 1.20 18.05 19.26
CA LEU A 527 0.59 18.63 18.08
C LEU A 527 1.59 19.54 17.37
N TYR A 528 1.80 19.28 16.09
CA TYR A 528 2.86 20.01 15.41
C TYR A 528 2.28 21.17 14.61
N PRO A 529 3.02 22.29 14.53
CA PRO A 529 2.57 23.41 13.69
C PRO A 529 2.58 23.02 12.22
N THR A 530 1.86 23.82 11.43
CA THR A 530 1.78 23.59 9.99
C THR A 530 2.78 24.50 9.29
N PRO A 531 3.92 24.00 8.83
CA PRO A 531 4.89 24.88 8.18
C PRO A 531 4.43 25.28 6.79
N GLN A 532 5.04 26.36 6.29
CA GLN A 532 4.74 26.82 4.94
C GLN A 532 5.49 26.03 3.88
N SER A 533 6.54 25.30 4.26
CA SER A 533 7.28 24.44 3.35
C SER A 533 8.16 23.51 4.18
N ASN A 534 8.48 22.35 3.61
CA ASN A 534 9.36 21.37 4.24
C ASN A 534 10.64 21.18 3.42
N LYS A 535 11.07 22.24 2.72
CA LYS A 535 12.35 22.17 2.02
C LYS A 535 13.52 22.25 3.00
N GLU A 536 13.34 22.93 4.12
CA GLU A 536 14.28 23.17 5.20
C GLU A 536 14.25 22.02 6.21
N PRO A 537 15.40 21.62 6.75
CA PRO A 537 15.38 20.66 7.85
C PRO A 537 14.65 21.23 9.06
N PHE A 538 13.79 20.40 9.65
CA PHE A 538 12.89 20.89 10.70
C PHE A 538 13.67 21.25 11.96
N SER A 539 13.20 22.30 12.63
CA SER A 539 13.77 22.73 13.91
C SER A 539 13.20 21.85 15.01
N TYR A 540 13.99 20.88 15.45
CA TYR A 540 13.52 19.91 16.43
C TYR A 540 13.69 20.43 17.85
N PRO A 541 12.69 20.25 18.70
CA PRO A 541 12.76 20.76 20.08
C PRO A 541 13.69 20.00 21.00
N PHE A 542 14.50 19.06 20.51
CA PHE A 542 15.42 18.32 21.35
C PHE A 542 16.47 17.66 20.46
N GLU A 543 17.32 16.83 21.07
CA GLU A 543 18.41 16.15 20.38
C GLU A 543 17.84 14.95 19.64
N THR A 544 17.64 15.10 18.33
CA THR A 544 17.03 14.07 17.52
C THR A 544 18.07 13.33 16.68
N TYR A 545 17.69 12.12 16.26
CA TYR A 545 18.51 11.33 15.35
C TYR A 545 17.59 10.55 14.42
N GLY A 546 18.15 10.12 13.29
CA GLY A 546 17.38 9.47 12.24
C GLY A 546 17.70 8.00 12.13
N VAL A 547 16.70 7.21 11.75
CA VAL A 547 16.84 5.77 11.51
C VAL A 547 16.46 5.53 10.05
N ILE A 548 17.44 5.15 9.24
CA ILE A 548 17.24 5.00 7.81
C ILE A 548 17.00 3.52 7.48
N SER A 549 16.13 3.28 6.52
CA SER A 549 15.79 1.95 6.02
C SER A 549 15.01 2.15 4.74
N TRP A 550 14.56 1.04 4.14
CA TRP A 550 13.72 1.14 2.96
C TRP A 550 12.36 1.71 3.35
N TRP A 551 11.76 2.46 2.42
CA TRP A 551 10.56 3.23 2.73
C TRP A 551 9.34 2.37 3.01
N ASP A 552 9.42 1.06 2.77
CA ASP A 552 8.29 0.18 3.11
C ASP A 552 8.07 0.13 4.61
N TYR A 553 9.12 0.33 5.40
CA TYR A 553 9.07 0.16 6.85
C TYR A 553 9.11 1.49 7.59
N GLY A 554 8.85 2.60 6.88
CA GLY A 554 8.85 3.89 7.54
C GLY A 554 7.72 4.04 8.53
N HIS A 555 6.52 3.57 8.16
CA HIS A 555 5.38 3.65 9.07
C HIS A 555 5.51 2.67 10.22
N TRP A 556 6.17 1.52 9.99
CA TRP A 556 6.41 0.58 11.08
C TRP A 556 7.42 1.14 12.07
N ILE A 557 8.52 1.68 11.58
CA ILE A 557 9.56 2.21 12.47
C ILE A 557 9.03 3.36 13.30
N GLU A 558 8.13 4.16 12.73
CA GLU A 558 7.61 5.32 13.45
C GLU A 558 6.52 4.93 14.44
N ALA A 559 5.57 4.10 14.00
CA ALA A 559 4.42 3.76 14.83
C ALA A 559 4.72 2.68 15.87
N VAL A 560 5.85 1.98 15.78
CA VAL A 560 6.16 0.92 16.72
C VAL A 560 7.42 1.27 17.50
N ALA A 561 8.52 1.49 16.80
CA ALA A 561 9.78 1.82 17.47
C ALA A 561 9.79 3.25 18.01
N HIS A 562 8.89 4.10 17.52
CA HIS A 562 8.78 5.49 17.97
C HIS A 562 10.09 6.25 17.76
N ARG A 563 10.70 6.05 16.59
CA ARG A 563 11.86 6.80 16.15
C ARG A 563 11.50 7.56 14.87
N MET A 564 12.49 8.16 14.24
CA MET A 564 12.25 8.96 13.05
C MET A 564 12.85 8.29 11.81
N PRO A 565 12.03 7.81 10.88
CA PRO A 565 12.55 7.22 9.65
C PRO A 565 12.70 8.23 8.53
N ILE A 566 13.85 8.17 7.85
CA ILE A 566 14.07 9.08 6.71
C ILE A 566 13.17 8.70 5.55
N ALA A 567 13.05 7.40 5.26
CA ALA A 567 12.21 6.91 4.18
C ALA A 567 10.93 6.32 4.76
N ASN A 568 9.79 6.76 4.22
CA ASN A 568 8.47 6.37 4.70
C ASN A 568 7.60 5.95 3.53
N PRO A 569 6.49 5.23 3.80
CA PRO A 569 5.62 4.78 2.70
C PRO A 569 4.89 5.91 1.99
N PHE A 570 5.20 7.16 2.33
CA PHE A 570 4.65 8.31 1.63
C PHE A 570 5.39 8.63 0.33
N GLN A 571 6.16 7.68 -0.19
CA GLN A 571 6.98 7.88 -1.39
C GLN A 571 8.02 8.98 -1.19
N ALA A 572 8.44 9.19 0.05
CA ALA A 572 9.41 10.23 0.39
C ALA A 572 10.58 9.62 1.14
N GLY A 573 11.71 10.31 1.09
CA GLY A 573 12.92 9.84 1.75
C GLY A 573 13.71 8.81 0.99
N ILE A 574 13.42 8.63 -0.31
CA ILE A 574 14.11 7.63 -1.10
C ILE A 574 15.40 8.18 -1.69
N GLY A 575 15.38 9.41 -2.17
CA GLY A 575 16.57 9.97 -2.80
C GLY A 575 16.87 9.28 -4.12
N ASN A 576 18.12 9.43 -4.55
CA ASN A 576 18.59 8.80 -5.78
C ASN A 576 20.10 8.97 -5.86
N LYS A 577 20.71 8.26 -6.81
CA LYS A 577 22.13 8.39 -7.08
C LYS A 577 22.44 9.15 -8.35
N TYR A 578 21.50 9.23 -9.29
CA TYR A 578 21.71 9.98 -10.51
C TYR A 578 21.64 11.49 -10.31
N ASN A 579 21.15 11.94 -9.15
CA ASN A 579 21.15 13.36 -8.80
C ASN A 579 21.80 13.64 -7.46
N ASN A 580 22.31 12.61 -6.77
CA ASN A 580 23.00 12.76 -5.49
C ASN A 580 22.11 13.42 -4.45
N VAL A 581 20.86 12.97 -4.38
CA VAL A 581 19.92 13.40 -3.34
C VAL A 581 20.04 12.42 -2.18
N PRO A 582 20.35 12.87 -0.97
CA PRO A 582 20.50 11.94 0.17
C PRO A 582 19.19 11.27 0.50
N GLY A 583 19.18 9.94 0.46
CA GLY A 583 18.00 9.17 0.75
C GLY A 583 18.34 7.72 1.01
N ALA A 584 17.29 6.90 1.05
CA ALA A 584 17.48 5.48 1.32
C ALA A 584 18.05 4.74 0.10
N SER A 585 17.64 5.15 -1.10
CA SER A 585 18.15 4.48 -2.30
C SER A 585 19.61 4.81 -2.53
N SER A 586 20.00 6.08 -2.34
CA SER A 586 21.40 6.46 -2.49
C SER A 586 22.28 5.90 -1.38
N PHE A 587 21.71 5.59 -0.22
CA PHE A 587 22.49 5.05 0.88
C PHE A 587 22.76 3.56 0.69
N PHE A 588 21.69 2.75 0.59
CA PHE A 588 21.85 1.31 0.54
C PHE A 588 22.49 0.82 -0.74
N THR A 589 22.41 1.58 -1.84
CA THR A 589 23.06 1.23 -3.09
C THR A 589 24.42 1.91 -3.25
N ALA A 590 24.94 2.52 -2.19
CA ALA A 590 26.27 3.11 -2.25
C ALA A 590 27.33 2.03 -2.35
N GLU A 591 28.37 2.28 -3.15
CA GLU A 591 29.39 1.28 -3.41
C GLU A 591 30.58 1.35 -2.46
N ASN A 592 30.76 2.47 -1.76
CA ASN A 592 31.82 2.58 -0.78
C ASN A 592 31.28 3.22 0.50
N GLU A 593 32.10 3.19 1.55
CA GLU A 593 31.69 3.78 2.82
C GLU A 593 31.79 5.30 2.79
N SER A 594 32.67 5.85 1.93
CA SER A 594 32.80 7.29 1.84
C SER A 594 31.52 7.94 1.34
N TYR A 595 30.96 7.42 0.24
CA TYR A 595 29.69 7.94 -0.25
C TYR A 595 28.54 7.56 0.68
N ALA A 596 28.69 6.47 1.44
CA ALA A 596 27.65 6.09 2.40
C ALA A 596 27.57 7.09 3.53
N GLU A 597 28.72 7.50 4.07
CA GLU A 597 28.72 8.48 5.15
C GLU A 597 28.20 9.83 4.69
N PHE A 598 28.38 10.16 3.40
CA PHE A 598 27.88 11.43 2.87
C PHE A 598 26.37 11.54 3.06
N VAL A 599 25.62 10.60 2.48
CA VAL A 599 24.17 10.59 2.64
C VAL A 599 23.81 10.39 4.11
N ALA A 600 24.63 9.65 4.85
CA ALA A 600 24.35 9.40 6.26
C ALA A 600 24.42 10.69 7.08
N GLU A 601 25.52 11.42 6.98
CA GLU A 601 25.68 12.64 7.76
C GLU A 601 24.71 13.72 7.29
N LYS A 602 24.45 13.78 5.99
CA LYS A 602 23.53 14.79 5.47
C LYS A 602 22.13 14.64 6.03
N LEU A 603 21.73 13.41 6.37
CA LEU A 603 20.41 13.14 6.91
C LEU A 603 20.41 12.94 8.41
N ASN A 604 21.57 13.09 9.07
CA ASN A 604 21.68 12.99 10.52
C ASN A 604 21.18 11.63 11.03
N VAL A 605 21.61 10.56 10.34
CA VAL A 605 21.16 9.24 10.71
C VAL A 605 21.98 8.73 11.91
N LYS A 606 21.44 7.70 12.57
CA LYS A 606 22.06 7.13 13.76
C LYS A 606 22.01 5.62 13.72
N TYR A 607 20.91 5.07 13.21
CA TYR A 607 20.71 3.63 13.14
C TYR A 607 20.22 3.26 11.74
N VAL A 608 20.62 2.07 11.30
CA VAL A 608 20.12 1.48 10.06
C VAL A 608 19.48 0.15 10.40
N VAL A 609 18.39 -0.17 9.71
CA VAL A 609 17.63 -1.39 9.95
C VAL A 609 17.44 -2.09 8.61
N SER A 610 18.32 -3.04 8.30
CA SER A 610 18.21 -3.84 7.09
C SER A 610 17.63 -5.21 7.42
N ASP A 611 16.75 -5.69 6.58
CA ASP A 611 16.15 -7.01 6.73
C ASP A 611 16.55 -7.90 5.55
N ILE A 612 16.11 -9.15 5.60
CA ILE A 612 16.46 -10.10 4.54
C ILE A 612 15.75 -9.77 3.24
N GLU A 613 14.69 -8.96 3.28
CA GLU A 613 13.99 -8.60 2.05
C GLU A 613 14.74 -7.53 1.27
N MET A 614 15.27 -6.51 1.96
CA MET A 614 16.12 -5.53 1.29
C MET A 614 17.32 -6.19 0.64
N GLU A 615 17.86 -7.22 1.30
CA GLU A 615 19.07 -7.88 0.81
C GLU A 615 18.81 -8.65 -0.48
N THR A 616 17.59 -9.15 -0.67
CA THR A 616 17.30 -10.01 -1.82
C THR A 616 16.27 -9.41 -2.76
N CYS A 617 14.99 -9.72 -2.54
CA CYS A 617 13.95 -9.42 -3.52
C CYS A 617 13.66 -7.93 -3.64
N LYS A 618 14.01 -7.13 -2.64
CA LYS A 618 13.72 -5.70 -2.66
C LYS A 618 14.91 -4.84 -3.07
N TYR A 619 16.07 -5.45 -3.31
CA TYR A 619 17.23 -4.66 -3.73
C TYR A 619 17.08 -4.15 -5.15
N TYR A 620 16.39 -4.91 -6.00
CA TYR A 620 16.19 -4.46 -7.38
C TYR A 620 15.40 -3.16 -7.43
N ALA A 621 14.45 -2.99 -6.51
CA ALA A 621 13.71 -1.73 -6.44
C ALA A 621 14.59 -0.61 -5.93
N MET A 622 15.47 -0.89 -4.97
CA MET A 622 16.40 0.12 -4.49
C MET A 622 17.40 0.51 -5.56
N ALA A 623 17.88 -0.46 -6.34
CA ALA A 623 18.82 -0.16 -7.41
C ALA A 623 18.17 0.70 -8.49
N VAL A 624 16.88 0.44 -8.78
CA VAL A 624 16.19 1.24 -9.79
C VAL A 624 15.92 2.64 -9.27
N TRP A 625 15.53 2.76 -8.00
CA TRP A 625 15.23 4.07 -7.43
C TRP A 625 16.45 4.98 -7.44
N ALA A 626 17.62 4.44 -7.06
CA ALA A 626 18.84 5.24 -7.06
C ALA A 626 19.28 5.58 -8.48
N GLU A 627 19.10 4.64 -9.41
CA GLU A 627 19.50 4.88 -10.80
C GLU A 627 18.46 5.67 -11.57
N GLY A 628 17.20 5.58 -11.19
CA GLY A 628 16.15 6.24 -11.95
C GLY A 628 16.03 5.72 -13.37
N ASP A 629 16.11 4.40 -13.53
CA ASP A 629 15.94 3.70 -14.80
C ASP A 629 16.21 2.22 -14.58
N LEU A 630 15.58 1.35 -15.38
CA LEU A 630 15.77 -0.09 -15.18
C LEU A 630 17.06 -0.60 -15.79
N PRO A 631 17.40 -0.29 -17.05
CA PRO A 631 18.67 -0.82 -17.61
C PRO A 631 19.90 -0.38 -16.82
N LEU A 632 19.84 0.73 -16.10
CA LEU A 632 20.96 1.11 -15.25
C LEU A 632 21.08 0.19 -14.04
N ALA A 633 19.98 -0.43 -13.62
CA ALA A 633 19.99 -1.39 -12.53
C ALA A 633 20.30 -2.80 -12.99
N GLU A 634 20.44 -3.02 -14.30
CA GLU A 634 20.80 -4.34 -14.80
C GLU A 634 22.23 -4.72 -14.44
N LYS A 635 23.10 -3.73 -14.22
CA LYS A 635 24.49 -3.99 -13.88
C LYS A 635 24.67 -4.54 -12.47
N TYR A 636 23.60 -4.60 -11.67
CA TYR A 636 23.68 -5.11 -10.31
C TYR A 636 23.44 -6.60 -10.21
N TYR A 637 22.96 -7.24 -11.29
CA TYR A 637 22.66 -8.67 -11.29
C TYR A 637 23.36 -9.35 -12.45
N GLY A 638 23.39 -10.68 -12.40
CA GLY A 638 24.09 -11.46 -13.40
C GLY A 638 23.30 -12.62 -13.96
N GLY A 639 23.78 -13.84 -13.75
CA GLY A 639 23.23 -15.04 -14.34
C GLY A 639 22.37 -15.84 -13.37
N TYR A 640 22.30 -17.14 -13.62
CA TYR A 640 21.45 -18.05 -12.86
C TYR A 640 22.21 -19.33 -12.54
N PHE A 641 21.75 -20.02 -11.50
CA PHE A 641 22.15 -21.41 -11.29
C PHE A 641 21.32 -22.34 -12.15
N TYR A 642 21.99 -23.17 -12.92
CA TYR A 642 21.39 -24.28 -13.64
C TYR A 642 21.87 -25.59 -13.04
N TYR A 643 21.03 -26.61 -13.13
CA TYR A 643 21.39 -27.96 -12.69
C TYR A 643 21.13 -28.92 -13.85
N SER A 644 22.20 -29.35 -14.51
CA SER A 644 22.09 -30.25 -15.64
C SER A 644 21.44 -31.57 -15.17
N PRO A 645 20.75 -32.28 -16.08
CA PRO A 645 20.21 -33.60 -15.72
C PRO A 645 21.26 -34.56 -15.18
N THR A 646 22.54 -34.32 -15.45
CA THR A 646 23.63 -35.08 -14.86
C THR A 646 23.90 -34.69 -13.41
N GLY A 647 23.18 -33.71 -12.87
CA GLY A 647 23.31 -33.34 -11.48
C GLY A 647 24.58 -32.60 -11.15
N THR A 648 24.76 -31.41 -11.71
CA THR A 648 25.93 -30.58 -11.46
C THR A 648 25.50 -29.14 -11.24
N PHE A 649 26.01 -28.53 -10.17
CA PHE A 649 25.78 -27.10 -9.97
C PHE A 649 26.55 -26.29 -11.01
N GLY A 650 25.93 -25.24 -11.51
CA GLY A 650 26.54 -24.45 -12.57
C GLY A 650 26.03 -23.03 -12.56
N TYR A 651 26.85 -22.12 -13.08
CA TYR A 651 26.51 -20.71 -13.18
C TYR A 651 26.77 -20.26 -14.61
N ALA A 652 25.71 -19.89 -15.33
CA ALA A 652 25.81 -19.38 -16.69
C ALA A 652 25.62 -17.87 -16.66
N ASN A 653 26.64 -17.13 -17.09
CA ASN A 653 26.55 -15.67 -17.10
C ASN A 653 25.46 -15.18 -18.04
N SER A 654 25.19 -15.93 -19.10
CA SER A 654 24.14 -15.57 -20.05
C SER A 654 23.03 -16.61 -20.04
N GLN A 655 22.20 -16.63 -21.08
CA GLN A 655 21.13 -17.60 -21.21
C GLN A 655 21.36 -18.59 -22.35
N TRP A 656 22.47 -18.47 -23.07
CA TRP A 656 22.84 -19.46 -24.08
C TRP A 656 23.92 -20.41 -23.61
N ASP A 657 24.64 -20.07 -22.53
CA ASP A 657 25.57 -21.01 -21.92
C ASP A 657 24.87 -22.11 -21.14
N ILE A 658 23.56 -22.01 -20.95
CA ILE A 658 22.79 -22.96 -20.16
C ILE A 658 22.72 -24.30 -20.90
N PRO A 659 23.14 -25.40 -20.27
CA PRO A 659 23.00 -26.71 -20.91
C PRO A 659 21.54 -27.04 -21.16
N LEU A 660 21.30 -27.85 -22.19
CA LEU A 660 19.95 -28.20 -22.56
C LEU A 660 19.32 -29.13 -21.53
N ASN A 661 18.00 -29.03 -21.39
CA ASN A 661 17.19 -29.83 -20.47
C ASN A 661 17.54 -29.57 -19.01
N SER A 662 18.41 -28.60 -18.73
CA SER A 662 18.85 -28.32 -17.37
C SER A 662 17.85 -27.41 -16.68
N ILE A 663 17.45 -27.79 -15.46
CA ILE A 663 16.52 -26.98 -14.69
C ILE A 663 17.22 -25.73 -14.18
N ILE A 664 16.53 -24.60 -14.24
CA ILE A 664 17.06 -23.31 -13.82
C ILE A 664 16.39 -22.89 -12.52
N ILE A 665 17.19 -22.43 -11.57
CA ILE A 665 16.66 -21.87 -10.33
C ILE A 665 16.16 -20.47 -10.64
N PRO A 666 14.86 -20.18 -10.51
CA PRO A 666 14.35 -18.87 -10.90
C PRO A 666 14.73 -17.77 -9.92
N LEU A 667 16.04 -17.60 -9.70
CA LEU A 667 16.56 -16.54 -8.83
C LEU A 667 17.70 -15.84 -9.55
N ARG A 668 17.62 -14.52 -9.60
CA ARG A 668 18.64 -13.72 -10.29
C ARG A 668 19.80 -13.48 -9.34
N ILE A 669 20.85 -14.29 -9.47
CA ILE A 669 22.04 -14.11 -8.65
C ILE A 669 22.71 -12.79 -9.02
N PRO A 670 23.04 -11.93 -8.05
CA PRO A 670 23.60 -10.61 -8.38
C PRO A 670 25.01 -10.73 -8.94
N SER A 671 25.47 -9.62 -9.50
CA SER A 671 26.78 -9.54 -10.12
C SER A 671 27.82 -9.19 -9.06
N GLU A 672 29.02 -8.77 -9.49
CA GLU A 672 30.06 -8.38 -8.55
C GLU A 672 29.86 -6.98 -8.00
N LEU A 673 29.05 -6.15 -8.65
CA LEU A 673 28.82 -4.79 -8.16
C LEU A 673 27.97 -4.79 -6.90
N TYR A 674 26.99 -5.69 -6.83
CA TYR A 674 26.13 -5.75 -5.66
C TYR A 674 26.91 -6.15 -4.41
N TYR A 675 27.81 -7.11 -4.54
CA TYR A 675 28.54 -7.65 -3.40
C TYR A 675 29.41 -6.60 -2.70
N SER A 676 29.63 -5.45 -3.33
CA SER A 676 30.38 -4.35 -2.72
C SER A 676 29.51 -3.11 -2.61
N THR A 677 28.25 -3.28 -2.25
CA THR A 677 27.32 -2.19 -1.99
C THR A 677 27.01 -2.13 -0.49
N MET A 678 26.29 -1.08 -0.10
CA MET A 678 26.04 -0.84 1.32
C MET A 678 25.12 -1.90 1.91
N GLU A 679 24.03 -2.23 1.22
CA GLU A 679 23.11 -3.23 1.73
C GLU A 679 23.79 -4.59 1.86
N ALA A 680 24.72 -4.92 0.97
CA ALA A 680 25.46 -6.17 1.07
C ALA A 680 26.46 -6.12 2.22
N LYS A 681 27.17 -5.00 2.38
CA LYS A 681 28.13 -4.87 3.48
C LYS A 681 27.45 -4.92 4.84
N LEU A 682 26.13 -4.77 4.89
CA LEU A 682 25.39 -4.74 6.14
C LEU A 682 24.83 -6.11 6.49
N HIS A 683 23.85 -6.58 5.70
CA HIS A 683 23.12 -7.79 6.06
C HIS A 683 23.83 -9.05 5.60
N LEU A 684 24.45 -9.02 4.42
CA LEU A 684 25.12 -10.22 3.90
C LEU A 684 26.40 -10.50 4.69
N PHE A 685 27.18 -9.47 5.01
CA PHE A 685 28.43 -9.63 5.71
C PHE A 685 28.29 -9.46 7.23
N ASP A 686 27.05 -9.30 7.72
CA ASP A 686 26.78 -9.14 9.15
C ASP A 686 27.54 -7.96 9.76
N GLY A 687 27.76 -6.92 8.96
CA GLY A 687 28.46 -5.75 9.43
C GLY A 687 29.97 -5.80 9.32
N SER A 688 30.53 -6.88 8.79
CA SER A 688 31.97 -6.98 8.63
C SER A 688 32.43 -6.13 7.45
N GLY A 689 33.71 -5.76 7.47
CA GLY A 689 34.26 -4.87 6.49
C GLY A 689 33.90 -3.41 6.67
N LEU A 690 33.15 -3.08 7.72
CA LEU A 690 32.71 -1.72 7.98
C LEU A 690 33.57 -1.10 9.08
N SER A 691 33.58 0.23 9.10
CA SER A 691 34.36 0.98 10.08
C SER A 691 33.51 1.89 10.97
N HIS A 692 32.30 2.25 10.56
CA HIS A 692 31.45 3.16 11.32
C HIS A 692 30.14 2.54 11.75
N TYR A 693 29.88 1.28 11.41
CA TYR A 693 28.61 0.63 11.73
C TYR A 693 28.87 -0.70 12.41
N ARG A 694 28.40 -0.83 13.64
CA ARG A 694 28.44 -2.08 14.38
C ARG A 694 27.02 -2.60 14.57
N MET A 695 26.86 -3.92 14.50
CA MET A 695 25.55 -4.53 14.71
C MET A 695 25.20 -4.51 16.18
N ILE A 696 23.99 -4.03 16.49
CA ILE A 696 23.50 -3.98 17.86
C ILE A 696 22.33 -4.91 18.09
N TYR A 697 21.72 -5.46 17.04
CA TYR A 697 20.58 -6.34 17.18
C TYR A 697 20.42 -7.19 15.93
N GLU A 698 20.02 -8.45 16.13
CA GLU A 698 19.68 -9.35 15.03
C GLU A 698 18.47 -10.16 15.44
N SER A 699 17.39 -10.07 14.66
CA SER A 699 16.19 -10.83 14.95
C SER A 699 16.42 -12.31 14.66
N ASP A 700 15.40 -13.11 14.95
CA ASP A 700 15.48 -14.55 14.70
C ASP A 700 15.54 -14.82 13.19
N TYR A 701 16.04 -16.01 12.85
CA TYR A 701 16.14 -16.47 11.47
C TYR A 701 14.78 -16.40 10.78
N PRO A 702 14.73 -16.37 9.45
CA PRO A 702 13.44 -16.46 8.76
C PRO A 702 12.71 -17.74 9.14
N ALA A 703 11.38 -17.68 9.05
CA ALA A 703 10.55 -18.77 9.56
C ALA A 703 10.85 -20.11 8.89
N GLU A 704 11.19 -20.08 7.60
CA GLU A 704 11.44 -21.34 6.90
C GLU A 704 12.73 -22.00 7.37
N TRP A 705 13.73 -21.22 7.76
CA TRP A 705 14.98 -21.78 8.25
C TRP A 705 14.98 -22.03 9.75
N LYS A 706 14.01 -21.47 10.48
CA LYS A 706 13.87 -21.81 11.89
C LYS A 706 13.35 -23.24 12.05
N SER A 707 12.46 -23.67 11.16
CA SER A 707 11.99 -25.05 11.17
C SER A 707 13.02 -26.02 10.61
N TYR A 708 13.99 -25.52 9.82
CA TYR A 708 15.06 -26.37 9.32
C TYR A 708 16.16 -26.60 10.37
N SER A 709 16.22 -25.76 11.40
CA SER A 709 17.26 -25.87 12.41
C SER A 709 17.04 -27.03 13.36
N SER A 710 15.86 -27.64 13.37
CA SER A 710 15.58 -28.76 14.26
C SER A 710 16.32 -30.02 13.85
N GLN A 711 16.83 -30.08 12.62
CA GLN A 711 17.52 -31.27 12.13
C GLN A 711 18.88 -30.99 11.52
N VAL A 712 19.24 -29.73 11.25
CA VAL A 712 20.51 -29.38 10.64
C VAL A 712 21.10 -28.21 11.40
N ASN A 713 22.34 -28.36 11.85
CA ASN A 713 23.06 -27.26 12.51
C ASN A 713 23.58 -26.28 11.47
N LEU A 714 23.55 -24.99 11.81
CA LEU A 714 23.74 -23.92 10.85
C LEU A 714 25.18 -23.39 10.79
N ASN A 715 26.10 -23.96 11.56
CA ASN A 715 27.44 -23.38 11.64
C ASN A 715 28.42 -23.99 10.63
N ASN A 716 28.19 -25.22 10.18
CA ASN A 716 29.13 -25.87 9.26
C ASN A 716 28.70 -25.68 7.81
N GLU A 717 29.69 -25.41 6.96
CA GLU A 717 29.43 -25.32 5.53
C GLU A 717 29.36 -26.73 4.93
N SER A 718 28.79 -26.82 3.73
CA SER A 718 28.53 -28.05 3.00
C SER A 718 27.50 -28.93 3.68
N GLN A 719 26.97 -28.53 4.84
CA GLN A 719 25.80 -29.15 5.45
C GLN A 719 24.57 -28.27 5.32
N VAL A 720 24.69 -26.98 5.68
CA VAL A 720 23.64 -26.02 5.36
C VAL A 720 23.59 -25.77 3.86
N LEU A 721 24.72 -25.91 3.18
CA LEU A 721 24.74 -25.76 1.72
C LEU A 721 24.02 -26.91 1.04
N GLN A 722 24.07 -28.11 1.61
CA GLN A 722 23.37 -29.24 1.03
C GLN A 722 21.86 -29.06 1.12
N THR A 723 21.36 -28.71 2.31
CA THR A 723 19.92 -28.55 2.49
C THR A 723 19.38 -27.29 1.81
N ALA A 724 20.26 -26.34 1.48
CA ALA A 724 19.80 -25.15 0.77
C ALA A 724 19.63 -25.42 -0.72
N LEU A 725 20.58 -26.14 -1.33
CA LEU A 725 20.44 -26.51 -2.74
C LEU A 725 19.29 -27.48 -2.96
N TYR A 726 18.90 -28.23 -1.93
CA TYR A 726 17.76 -29.13 -2.07
C TYR A 726 16.45 -28.36 -2.11
N GLU A 727 16.31 -27.35 -1.26
CA GLU A 727 15.08 -26.55 -1.26
C GLU A 727 14.95 -25.72 -2.53
N ALA A 728 16.06 -25.27 -3.08
CA ALA A 728 16.00 -24.46 -4.30
C ALA A 728 15.54 -25.29 -5.50
N VAL A 729 16.08 -26.50 -5.64
CA VAL A 729 15.76 -27.34 -6.79
C VAL A 729 14.34 -27.90 -6.66
N MET A 730 14.00 -28.45 -5.49
CA MET A 730 12.68 -29.04 -5.29
C MET A 730 11.58 -28.01 -5.38
N ARG A 731 11.90 -26.72 -5.27
CA ARG A 731 10.93 -25.66 -5.54
C ARG A 731 11.04 -25.09 -6.93
N ALA A 732 12.23 -25.18 -7.55
CA ALA A 732 12.40 -24.73 -8.93
C ALA A 732 11.76 -25.67 -9.93
N ARG A 733 11.39 -26.88 -9.52
CA ARG A 733 10.61 -27.75 -10.40
C ARG A 733 9.31 -27.09 -10.80
N TYR A 734 8.69 -26.36 -9.87
CA TYR A 734 7.56 -25.50 -10.16
C TYR A 734 8.05 -24.12 -10.56
N GLY A 735 7.12 -23.23 -10.88
CA GLY A 735 7.49 -21.90 -11.34
C GLY A 735 7.83 -20.92 -10.22
N VAL A 736 8.17 -21.43 -9.05
CA VAL A 736 8.46 -20.59 -7.90
C VAL A 736 9.94 -20.67 -7.55
N SER A 737 10.42 -19.63 -6.87
CA SER A 737 11.79 -19.45 -6.46
C SER A 737 11.99 -19.90 -5.02
N PRO A 738 13.23 -20.16 -4.61
CA PRO A 738 13.48 -20.51 -3.20
C PRO A 738 13.09 -19.37 -2.26
N THR A 739 12.93 -19.72 -0.99
CA THR A 739 12.49 -18.76 0.02
C THR A 739 13.56 -17.69 0.23
N MET A 740 13.16 -16.62 0.95
CA MET A 740 14.08 -15.52 1.21
C MET A 740 15.30 -15.99 2.00
N GLY A 741 15.08 -16.87 2.98
CA GLY A 741 16.21 -17.43 3.71
C GLY A 741 17.13 -18.25 2.83
N THR A 742 16.55 -19.03 1.90
CA THR A 742 17.35 -19.78 0.95
C THR A 742 17.99 -18.86 -0.08
N GLN A 743 17.34 -17.74 -0.40
CA GLN A 743 17.93 -16.77 -1.31
C GLN A 743 19.22 -16.19 -0.74
N GLU A 744 19.31 -16.08 0.60
CA GLU A 744 20.52 -15.58 1.22
C GLU A 744 21.68 -16.56 1.06
N VAL A 745 21.42 -17.84 1.26
CA VAL A 745 22.49 -18.84 1.20
C VAL A 745 23.09 -18.91 -0.20
N LEU A 746 22.24 -18.86 -1.23
CA LEU A 746 22.74 -18.86 -2.59
C LEU A 746 23.54 -17.61 -2.90
N TYR A 747 23.14 -16.47 -2.33
CA TYR A 747 23.93 -15.25 -2.50
C TYR A 747 25.28 -15.36 -1.79
N LYS A 748 25.31 -16.06 -0.65
CA LYS A 748 26.57 -16.28 0.05
C LYS A 748 27.43 -17.33 -0.64
N TYR A 749 26.79 -18.37 -1.18
CA TYR A 749 27.54 -19.42 -1.88
C TYR A 749 28.15 -18.88 -3.17
N ALA A 750 27.37 -18.11 -3.94
CA ALA A 750 27.91 -17.49 -5.14
C ALA A 750 28.96 -16.45 -4.84
N TYR A 751 28.97 -15.92 -3.60
CA TYR A 751 30.02 -14.97 -3.21
C TYR A 751 31.36 -15.68 -3.08
N THR A 752 31.37 -16.88 -2.52
CA THR A 752 32.61 -17.62 -2.34
C THR A 752 33.16 -18.19 -3.65
N GLN A 753 32.41 -18.08 -4.75
CA GLN A 753 32.82 -18.61 -6.05
C GLN A 753 33.05 -17.52 -7.08
N LEU A 754 32.15 -16.54 -7.19
CA LEU A 754 32.32 -15.46 -8.14
C LEU A 754 33.16 -14.32 -7.59
N TYR A 755 33.08 -14.06 -6.29
CA TYR A 755 33.94 -13.11 -5.60
C TYR A 755 35.13 -13.81 -4.94
N GLU A 756 35.51 -14.99 -5.46
CA GLU A 756 36.54 -15.81 -4.83
C GLU A 756 37.92 -15.18 -4.97
N LYS A 757 38.23 -14.66 -6.16
CA LYS A 757 39.49 -13.97 -6.40
C LYS A 757 39.69 -12.78 -5.48
N LYS A 758 38.62 -12.28 -4.85
CA LYS A 758 38.71 -11.14 -3.94
C LYS A 758 38.50 -11.58 -2.50
N MET A 759 37.31 -12.02 -2.14
CA MET A 759 36.99 -12.49 -0.78
C MET A 759 37.41 -11.46 0.26
N GLY A 760 36.91 -10.23 0.09
CA GLY A 760 37.20 -9.19 1.06
C GLY A 760 36.83 -9.58 2.48
N ILE A 761 35.66 -10.19 2.65
CA ILE A 761 35.26 -10.79 3.91
C ILE A 761 34.86 -12.23 3.65
N PRO A 762 35.76 -13.20 3.84
CA PRO A 762 35.38 -14.61 3.64
C PRO A 762 34.30 -15.04 4.62
N VAL A 763 33.05 -15.01 4.18
CA VAL A 763 31.91 -15.28 5.05
C VAL A 763 31.57 -16.75 5.02
N LYS A 764 31.36 -17.32 6.20
CA LYS A 764 30.59 -18.54 6.37
C LYS A 764 29.33 -18.47 5.51
N ILE A 765 29.05 -19.54 4.78
CA ILE A 765 27.79 -19.63 4.04
C ILE A 765 26.75 -20.23 4.99
N ALA A 766 25.86 -19.38 5.48
CA ALA A 766 24.92 -19.74 6.53
C ALA A 766 23.82 -18.70 6.62
N PRO A 767 22.61 -19.07 7.04
CA PRO A 767 21.53 -18.10 7.16
C PRO A 767 21.74 -17.18 8.35
N SER A 768 21.17 -15.99 8.26
CA SER A 768 21.25 -14.97 9.29
C SER A 768 19.85 -14.55 9.73
N GLY A 769 19.79 -13.61 10.66
CA GLY A 769 18.52 -13.14 11.15
C GLY A 769 17.71 -12.44 10.08
N TYR A 770 16.38 -12.44 10.28
CA TYR A 770 15.49 -11.81 9.32
C TYR A 770 15.66 -10.29 9.31
N VAL A 771 15.81 -9.68 10.48
CA VAL A 771 15.99 -8.24 10.60
C VAL A 771 17.21 -7.97 11.46
N LYS A 772 18.05 -7.03 11.01
CA LYS A 772 19.24 -6.63 11.74
C LYS A 772 19.24 -5.13 11.92
N ILE A 773 19.85 -4.67 13.02
CA ILE A 773 19.94 -3.26 13.35
C ILE A 773 21.40 -2.93 13.64
N PHE A 774 21.89 -1.85 13.01
CA PHE A 774 23.23 -1.36 13.21
C PHE A 774 23.18 0.06 13.78
N GLU A 775 24.33 0.52 14.27
CA GLU A 775 24.44 1.86 14.85
C GLU A 775 25.58 2.60 14.18
N ARG A 776 25.30 3.80 13.66
CA ARG A 776 26.34 4.65 13.11
C ARG A 776 27.24 5.16 14.24
N VAL A 777 28.52 4.80 14.17
CA VAL A 777 29.46 5.05 15.25
C VAL A 777 30.65 5.83 14.71
N LYS A 778 31.12 6.81 15.46
CA LYS A 778 32.35 7.51 15.11
C LYS A 778 33.50 6.53 14.93
N GLY A 779 33.74 5.70 15.95
CA GLY A 779 34.74 4.66 15.86
C GLY A 779 36.02 4.99 16.59
N ALA A 780 36.62 3.98 17.22
CA ALA A 780 37.90 4.15 17.90
C ALA A 780 39.00 4.26 16.85
N VAL A 781 39.45 5.49 16.59
CA VAL A 781 40.48 5.75 15.59
C VAL A 781 41.81 5.31 16.17
N VAL A 782 42.27 4.13 15.79
CA VAL A 782 43.53 3.56 16.28
C VAL A 782 44.57 3.72 15.18
N THR A 783 45.66 4.41 15.51
CA THR A 783 46.73 4.69 14.56
C THR A 783 48.08 4.34 15.17
N GLY A 784 49.11 4.37 14.34
CA GLY A 784 50.45 4.07 14.81
C GLY A 784 51.39 3.82 13.65
N LYS A 785 52.66 3.61 14.02
CA LYS A 785 53.71 3.32 13.05
C LYS A 785 53.89 1.81 12.92
N VAL A 786 54.32 1.38 11.72
CA VAL A 786 54.52 -0.03 11.45
C VAL A 786 55.98 -0.24 11.07
N SER A 787 56.39 -1.50 10.87
CA SER A 787 57.78 -1.88 10.59
C SER A 787 58.29 -1.40 9.22
N ALA A 788 57.54 -0.58 8.48
CA ALA A 788 57.97 0.05 7.23
C ALA A 788 58.29 -0.95 6.13
N ASN A 789 58.03 -2.24 6.34
CA ASN A 789 58.23 -3.25 5.31
C ASN A 789 56.96 -3.98 4.91
N VAL A 790 55.88 -3.85 5.67
CA VAL A 790 54.58 -4.40 5.31
C VAL A 790 53.67 -3.25 4.94
N THR A 791 52.72 -3.51 4.06
CA THR A 791 51.89 -2.47 3.46
C THR A 791 50.42 -2.54 3.88
N GLU A 792 50.08 -3.37 4.87
CA GLU A 792 48.69 -3.46 5.30
C GLU A 792 48.64 -3.92 6.76
N VAL A 793 47.56 -3.52 7.44
CA VAL A 793 47.29 -3.90 8.82
C VAL A 793 45.87 -4.46 8.88
N SER A 794 45.74 -5.69 9.37
CA SER A 794 44.46 -6.38 9.44
C SER A 794 44.00 -6.49 10.90
N VAL A 795 42.71 -6.31 11.10
CA VAL A 795 42.09 -6.41 12.43
C VAL A 795 40.96 -7.42 12.35
N ASN A 796 40.76 -8.18 13.43
CA ASN A 796 39.80 -9.26 13.44
C ASN A 796 39.29 -9.47 14.86
N ALA A 797 38.00 -9.82 14.98
CA ALA A 797 37.39 -10.08 16.27
C ALA A 797 36.14 -10.92 16.07
N THR A 798 36.04 -12.03 16.80
CA THR A 798 34.86 -12.88 16.75
C THR A 798 33.72 -12.23 17.52
N ILE A 799 32.58 -12.05 16.87
CA ILE A 799 31.45 -11.32 17.42
C ILE A 799 30.27 -12.26 17.57
N LYS A 800 29.56 -12.14 18.69
CA LYS A 800 28.40 -12.95 19.01
C LYS A 800 27.14 -12.08 18.99
N THR A 801 26.09 -12.58 18.35
CA THR A 801 24.84 -11.85 18.23
C THR A 801 23.86 -12.29 19.32
N ASN A 802 22.72 -11.60 19.36
CA ASN A 802 21.68 -11.92 20.34
C ASN A 802 21.01 -13.26 20.05
N GLN A 803 21.25 -13.84 18.88
CA GLN A 803 20.76 -15.19 18.55
C GLN A 803 21.84 -16.24 18.75
N ASN A 804 22.92 -15.90 19.48
CA ASN A 804 24.07 -16.77 19.73
C ASN A 804 24.81 -17.15 18.46
N ARG A 805 24.52 -16.50 17.34
CA ARG A 805 25.20 -16.80 16.08
C ARG A 805 26.55 -16.11 16.04
N THR A 806 27.58 -16.87 15.69
CA THR A 806 28.95 -16.38 15.70
C THR A 806 29.40 -16.00 14.30
N PHE A 807 30.17 -14.91 14.21
CA PHE A 807 30.76 -14.49 12.96
C PHE A 807 32.04 -13.72 13.26
N GLU A 808 32.84 -13.49 12.21
CA GLU A 808 34.15 -12.89 12.35
C GLU A 808 34.17 -11.55 11.64
N TYR A 809 34.38 -10.47 12.41
CA TYR A 809 34.52 -9.14 11.84
C TYR A 809 35.93 -8.97 11.27
N TRP A 810 36.02 -8.27 10.14
CA TRP A 810 37.29 -8.09 9.46
C TRP A 810 37.38 -6.68 8.89
N GLN A 811 38.61 -6.16 8.83
CA GLN A 811 38.88 -4.87 8.22
C GLN A 811 40.38 -4.78 7.95
N THR A 812 40.74 -4.29 6.77
CA THR A 812 42.12 -4.18 6.35
C THR A 812 42.38 -2.77 5.83
N VAL A 813 43.43 -2.13 6.34
CA VAL A 813 43.77 -0.77 5.95
C VAL A 813 45.15 -0.77 5.30
N GLU A 814 45.39 0.20 4.42
CA GLU A 814 46.67 0.35 3.77
C GLU A 814 47.69 0.98 4.72
N VAL A 815 48.95 0.93 4.32
CA VAL A 815 50.04 1.57 5.06
C VAL A 815 50.51 2.77 4.24
N LYS A 816 50.38 3.96 4.80
CA LYS A 816 50.73 5.20 4.13
C LYS A 816 51.72 5.97 4.99
N ASN A 817 52.83 6.39 4.38
CA ASN A 817 53.92 7.08 5.08
C ASN A 817 54.48 6.25 6.23
N GLY A 818 54.40 4.93 6.10
CA GLY A 818 54.86 4.05 7.16
C GLY A 818 53.94 3.95 8.36
N THR A 819 52.77 4.59 8.31
CA THR A 819 51.82 4.57 9.41
C THR A 819 50.51 3.93 8.93
N TYR A 820 49.64 3.66 9.90
CA TYR A 820 48.33 3.07 9.62
C TYR A 820 47.29 3.74 10.50
N THR A 821 46.02 3.46 10.19
CA THR A 821 44.91 4.05 10.95
C THR A 821 43.67 3.20 10.70
N VAL A 822 43.17 2.55 11.76
CA VAL A 822 41.95 1.76 11.68
C VAL A 822 40.88 2.42 12.52
N VAL A 823 39.62 2.23 12.13
CA VAL A 823 38.47 2.77 12.83
C VAL A 823 37.59 1.58 13.20
N LEU A 824 37.70 1.12 14.45
CA LEU A 824 36.97 -0.05 14.90
C LEU A 824 35.60 0.38 15.43
N PRO A 825 34.50 -0.12 14.86
CA PRO A 825 33.17 0.31 15.34
C PRO A 825 32.71 -0.44 16.57
N TYR A 826 32.93 -1.75 16.63
CA TYR A 826 32.42 -2.55 17.73
C TYR A 826 33.17 -2.25 19.02
N SER A 827 32.53 -2.56 20.14
CA SER A 827 33.08 -2.34 21.48
C SER A 827 32.91 -3.60 22.31
N HIS A 828 33.60 -3.63 23.46
CA HIS A 828 33.66 -4.83 24.28
C HIS A 828 32.80 -4.76 25.54
N ASN A 829 32.32 -3.58 25.92
CA ASN A 829 31.42 -3.46 27.07
C ASN A 829 30.13 -2.74 26.71
N SER A 830 29.65 -2.93 25.48
CA SER A 830 28.45 -2.25 25.02
C SER A 830 27.23 -2.74 25.77
N ASP A 831 26.24 -1.86 25.90
CA ASP A 831 24.96 -2.21 26.50
C ASP A 831 24.05 -2.96 25.54
N TYR A 832 24.44 -3.08 24.27
CA TYR A 832 23.70 -3.78 23.23
C TYR A 832 24.03 -5.26 23.25
N PRO A 833 23.05 -6.13 22.96
CA PRO A 833 23.27 -7.58 23.12
C PRO A 833 24.25 -8.18 22.11
N VAL A 834 24.69 -7.42 21.11
CA VAL A 834 25.64 -7.92 20.12
C VAL A 834 26.99 -7.31 20.43
N LYS A 835 27.94 -8.15 20.85
CA LYS A 835 29.28 -7.71 21.22
C LYS A 835 30.24 -8.87 21.03
N PRO A 836 31.51 -8.59 20.75
CA PRO A 836 32.48 -9.67 20.50
C PRO A 836 32.75 -10.49 21.75
N ILE A 837 33.31 -11.68 21.53
CA ILE A 837 33.65 -12.60 22.61
C ILE A 837 35.16 -12.61 22.82
N THR A 838 35.93 -12.33 21.76
CA THR A 838 37.38 -12.32 21.84
C THR A 838 37.91 -10.91 21.57
N PRO A 839 39.05 -10.55 22.15
CA PRO A 839 39.61 -9.21 21.90
C PRO A 839 39.98 -9.02 20.44
N TYR A 840 40.24 -7.76 20.10
CA TYR A 840 40.64 -7.40 18.74
C TYR A 840 42.02 -7.98 18.45
N HIS A 841 42.09 -8.87 17.46
CA HIS A 841 43.36 -9.45 17.02
C HIS A 841 43.89 -8.60 15.86
N ILE A 842 44.80 -7.70 16.17
CA ILE A 842 45.43 -6.84 15.15
C ILE A 842 46.70 -7.53 14.65
N LYS A 843 47.07 -7.22 13.41
CA LYS A 843 48.19 -7.91 12.77
C LYS A 843 48.75 -7.02 11.67
N ALA A 844 50.08 -6.96 11.59
CA ALA A 844 50.76 -6.21 10.53
C ALA A 844 52.07 -6.93 10.25
N GLY A 845 52.08 -7.74 9.19
CA GLY A 845 53.25 -8.54 8.87
C GLY A 845 53.36 -9.77 9.74
N ASN A 846 54.04 -9.64 10.88
CA ASN A 846 54.15 -10.75 11.82
C ASN A 846 53.93 -10.33 13.26
N VAL A 847 53.94 -9.04 13.58
CA VAL A 847 53.69 -8.57 14.94
C VAL A 847 52.18 -8.50 15.17
N VAL A 848 51.74 -9.00 16.33
CA VAL A 848 50.33 -9.05 16.69
C VAL A 848 50.18 -8.62 18.14
N LYS A 849 48.98 -8.13 18.46
CA LYS A 849 48.66 -7.68 19.81
C LYS A 849 47.24 -8.11 20.16
N GLU A 850 46.91 -7.97 21.45
CA GLU A 850 45.59 -8.34 21.99
C GLU A 850 45.04 -7.12 22.70
N ILE A 851 44.24 -6.32 21.99
CA ILE A 851 43.70 -5.06 22.51
C ILE A 851 42.19 -5.18 22.62
N THR A 852 41.64 -4.57 23.68
CA THR A 852 40.21 -4.50 23.90
C THR A 852 39.79 -3.04 23.91
N ILE A 853 38.71 -2.74 23.18
CA ILE A 853 38.20 -1.38 23.06
C ILE A 853 36.86 -1.31 23.77
N TYR A 854 36.71 -0.32 24.66
CA TYR A 854 35.47 -0.13 25.39
C TYR A 854 34.73 1.10 24.87
N GLU A 855 33.50 1.27 25.36
CA GLU A 855 32.54 2.17 24.72
C GLU A 855 32.97 3.63 24.79
N SER A 856 33.76 4.01 25.79
CA SER A 856 34.16 5.41 25.93
C SER A 856 34.97 5.88 24.73
N GLN A 857 35.82 5.02 24.20
CA GLN A 857 36.60 5.36 23.00
C GLN A 857 35.81 5.15 21.72
N VAL A 858 34.74 4.35 21.77
CA VAL A 858 34.00 4.01 20.56
C VAL A 858 33.00 5.10 20.21
N GLN A 859 32.15 5.49 21.15
CA GLN A 859 31.14 6.50 20.87
C GLN A 859 31.77 7.86 20.62
N ASN A 860 32.73 8.24 21.46
CA ASN A 860 33.34 9.57 21.39
C ASN A 860 34.36 9.70 20.27
N GLY A 861 34.74 8.61 19.63
CA GLY A 861 35.76 8.67 18.59
C GLY A 861 37.13 9.06 19.12
N GLU A 862 37.52 8.51 20.27
CA GLU A 862 38.78 8.87 20.89
C GLU A 862 39.96 8.39 20.05
N ILE A 863 41.06 9.12 20.15
CA ILE A 863 42.27 8.83 19.39
C ILE A 863 43.16 7.92 20.23
N ILE A 864 43.61 6.81 19.63
CA ILE A 864 44.42 5.82 20.31
C ILE A 864 45.71 5.60 19.52
N GLN A 865 46.83 5.48 20.23
CA GLN A 865 48.13 5.25 19.63
C GLN A 865 48.61 3.84 19.93
N LEU A 866 49.13 3.17 18.91
CA LEU A 866 49.64 1.81 19.07
C LEU A 866 50.55 1.48 17.88
N ASP A 867 51.83 1.29 18.15
CA ASP A 867 52.80 0.94 17.11
C ASP A 867 52.88 -0.57 16.93
N LEU A 868 53.45 -0.97 15.81
CA LEU A 868 53.58 -2.39 15.48
C LEU A 868 54.95 -2.70 14.89
N ARG B 1 0.62 -6.58 -1.90
CA ARG B 1 -0.29 -5.74 -2.67
C ARG B 1 -0.68 -4.51 -1.86
N TYR B 2 0.15 -4.15 -0.88
CA TYR B 2 -0.23 -3.19 0.15
C TYR B 2 0.87 -2.14 0.33
N ASN B 3 1.12 -1.35 -0.72
CA ASN B 3 2.15 -0.31 -0.74
C ASN B 3 3.54 -0.85 -0.43
N VAL B 4 3.70 -2.15 -0.36
CA VAL B 4 5.01 -2.77 -0.22
C VAL B 4 5.61 -2.91 -1.61
N THR B 5 6.90 -2.62 -1.73
CA THR B 5 7.59 -2.89 -2.99
C THR B 5 7.43 -4.36 -3.37
N ALA B 6 7.42 -4.62 -4.68
CA ALA B 6 7.23 -5.97 -5.20
C ALA B 6 8.15 -6.95 -4.50
N CYS B 7 7.55 -7.88 -3.76
CA CYS B 7 8.30 -8.82 -2.93
C CYS B 7 8.93 -9.93 -3.77
#